data_1D88
# 
_entry.id   1D88 
# 
_audit_conform.dict_name       mmcif_pdbx.dic 
_audit_conform.dict_version    5.385 
_audit_conform.dict_location   http://mmcif.pdb.org/dictionaries/ascii/mmcif_pdbx.dic 
# 
loop_
_database_2.database_id 
_database_2.database_code 
_database_2.pdbx_database_accession 
_database_2.pdbx_DOI 
PDB   1D88         pdb_00001d88 10.2210/pdb1d88/pdb 
RCSB  AHJ044       ?            ?                   
WWPDB D_1000172685 ?            ?                   
# 
loop_
_pdbx_audit_revision_history.ordinal 
_pdbx_audit_revision_history.data_content_type 
_pdbx_audit_revision_history.major_revision 
_pdbx_audit_revision_history.minor_revision 
_pdbx_audit_revision_history.revision_date 
1 'Structure model' 1 0 1993-07-15 
2 'Structure model' 1 1 2008-05-22 
3 'Structure model' 1 2 2011-07-13 
4 'Structure model' 1 3 2024-02-07 
# 
_pdbx_audit_revision_details.ordinal             1 
_pdbx_audit_revision_details.revision_ordinal    1 
_pdbx_audit_revision_details.data_content_type   'Structure model' 
_pdbx_audit_revision_details.provider            repository 
_pdbx_audit_revision_details.type                'Initial release' 
_pdbx_audit_revision_details.description         ? 
_pdbx_audit_revision_details.details             ? 
# 
loop_
_pdbx_audit_revision_group.ordinal 
_pdbx_audit_revision_group.revision_ordinal 
_pdbx_audit_revision_group.data_content_type 
_pdbx_audit_revision_group.group 
1 2 'Structure model' 'Version format compliance' 
2 3 'Structure model' 'Version format compliance' 
3 4 'Structure model' 'Data collection'           
4 4 'Structure model' 'Database references'       
5 4 'Structure model' 'Structure summary'         
# 
loop_
_pdbx_audit_revision_category.ordinal 
_pdbx_audit_revision_category.revision_ordinal 
_pdbx_audit_revision_category.data_content_type 
_pdbx_audit_revision_category.category 
1 4 'Structure model' chem_comp_atom  
2 4 'Structure model' chem_comp_bond  
3 4 'Structure model' database_2      
4 4 'Structure model' struct_keywords 
# 
loop_
_pdbx_audit_revision_item.ordinal 
_pdbx_audit_revision_item.revision_ordinal 
_pdbx_audit_revision_item.data_content_type 
_pdbx_audit_revision_item.item 
1 4 'Structure model' '_database_2.pdbx_DOI'                
2 4 'Structure model' '_database_2.pdbx_database_accession' 
3 4 'Structure model' '_struct_keywords.text'               
# 
_pdbx_database_status.status_code                     REL 
_pdbx_database_status.entry_id                        1D88 
_pdbx_database_status.recvd_initial_deposition_date   1992-08-28 
_pdbx_database_status.deposit_site                    BNL 
_pdbx_database_status.process_site                    NDB 
_pdbx_database_status.SG_entry                        . 
_pdbx_database_status.status_code_sf                  ? 
_pdbx_database_status.status_code_mr                  ? 
_pdbx_database_status.pdb_format_compatible           Y 
_pdbx_database_status.status_code_cs                  ? 
_pdbx_database_status.status_code_nmr_data            ? 
_pdbx_database_status.methods_development_category    ? 
# 
loop_
_audit_author.name 
_audit_author.pdbx_ordinal 
'Egli, M.'  1 
'Usman, N.' 2 
'Rich, A.'  3 
# 
loop_
_citation.id 
_citation.title 
_citation.journal_abbrev 
_citation.journal_volume 
_citation.page_first 
_citation.page_last 
_citation.year 
_citation.journal_id_ASTM 
_citation.country 
_citation.journal_id_ISSN 
_citation.journal_id_CSD 
_citation.book_publisher 
_citation.pdbx_database_id_PubMed 
_citation.pdbx_database_id_DOI 
primary 
;Conformational influence of the ribose 2'-hydroxyl group: crystal structures of DNA-RNA chimeric duplexes.
;
Biochemistry           32 3221 3237 1993 BICHAW US 0006-2960 0033 ? 7681688 10.1021/bi00064a004 
1       'Large Scale Chemical Synthesis, Purification and Crystallization of RNA-DNA Chimeras'                       
'Nucleic Acids Res.'   20 6695 6699 1992 NARHAD UK 0305-1048 0389 ? ?       ?                   
2       'Crystal Structure of an Okazaki Fragment at 2 Angstroms Resolution'                                         
Proc.Natl.Acad.Sci.USA 89 534  538  1992 PNASA6 US 0027-8424 0040 ? ?       ?                   
# 
loop_
_citation_author.citation_id 
_citation_author.name 
_citation_author.ordinal 
_citation_author.identifier_ORCID 
primary 'Egli, M.'  1  ? 
primary 'Usman, N.' 2  ? 
primary 'Rich, A.'  3  ? 
1       'Usman, N.' 4  ? 
1       'Egli, M.'  5  ? 
1       'Rich, A.'  6  ? 
2       'Egli, M.'  7  ? 
2       'Usman, N.' 8  ? 
2       'Zhang, S.' 9  ? 
2       'Rich, A.'  10 ? 
# 
loop_
_entity.id 
_entity.type 
_entity.src_method 
_entity.pdbx_description 
_entity.formula_weight 
_entity.pdbx_number_of_molecules 
_entity.pdbx_ec 
_entity.pdbx_mutation 
_entity.pdbx_fragment 
_entity.details 
1 polymer syn 
;DNA/RNA (5'-D(*GP*CP*GP*TP*)-R(*AP*)-D(*TP*AP*CP*GP*C)-3')
;
3061.004 2  ? ? ? ? 
2 water   nat water                                                        18.015   94 ? ? ? ? 
# 
_entity_poly.entity_id                      1 
_entity_poly.type                           'polydeoxyribonucleotide/polyribonucleotide hybrid' 
_entity_poly.nstd_linkage                   no 
_entity_poly.nstd_monomer                   no 
_entity_poly.pdbx_seq_one_letter_code       '(DG)(DC)(DG)(DT)A(DT)(DA)(DC)(DG)(DC)' 
_entity_poly.pdbx_seq_one_letter_code_can   GCGTATACGC 
_entity_poly.pdbx_strand_id                 A,B 
_entity_poly.pdbx_target_identifier         ? 
# 
_pdbx_entity_nonpoly.entity_id   2 
_pdbx_entity_nonpoly.name        water 
_pdbx_entity_nonpoly.comp_id     HOH 
# 
loop_
_entity_poly_seq.entity_id 
_entity_poly_seq.num 
_entity_poly_seq.mon_id 
_entity_poly_seq.hetero 
1 1  DG n 
1 2  DC n 
1 3  DG n 
1 4  DT n 
1 5  A  n 
1 6  DT n 
1 7  DA n 
1 8  DC n 
1 9  DG n 
1 10 DC n 
# 
loop_
_chem_comp.id 
_chem_comp.type 
_chem_comp.mon_nstd_flag 
_chem_comp.name 
_chem_comp.pdbx_synonyms 
_chem_comp.formula 
_chem_comp.formula_weight 
A   'RNA linking' y "ADENOSINE-5'-MONOPHOSPHATE"         ? 'C10 H14 N5 O7 P' 347.221 
DA  'DNA linking' y "2'-DEOXYADENOSINE-5'-MONOPHOSPHATE" ? 'C10 H14 N5 O6 P' 331.222 
DC  'DNA linking' y "2'-DEOXYCYTIDINE-5'-MONOPHOSPHATE"  ? 'C9 H14 N3 O7 P'  307.197 
DG  'DNA linking' y "2'-DEOXYGUANOSINE-5'-MONOPHOSPHATE" ? 'C10 H14 N5 O7 P' 347.221 
DT  'DNA linking' y "THYMIDINE-5'-MONOPHOSPHATE"         ? 'C10 H15 N2 O8 P' 322.208 
HOH non-polymer   . WATER                                ? 'H2 O'            18.015  
# 
loop_
_pdbx_poly_seq_scheme.asym_id 
_pdbx_poly_seq_scheme.entity_id 
_pdbx_poly_seq_scheme.seq_id 
_pdbx_poly_seq_scheme.mon_id 
_pdbx_poly_seq_scheme.ndb_seq_num 
_pdbx_poly_seq_scheme.pdb_seq_num 
_pdbx_poly_seq_scheme.auth_seq_num 
_pdbx_poly_seq_scheme.pdb_mon_id 
_pdbx_poly_seq_scheme.auth_mon_id 
_pdbx_poly_seq_scheme.pdb_strand_id 
_pdbx_poly_seq_scheme.pdb_ins_code 
_pdbx_poly_seq_scheme.hetero 
A 1 1  DG 1  1  1  DG G A . n 
A 1 2  DC 2  2  2  DC C A . n 
A 1 3  DG 3  3  3  DG G A . n 
A 1 4  DT 4  4  4  DT T A . n 
A 1 5  A  5  5  5  A  A A . n 
A 1 6  DT 6  6  6  DT T A . n 
A 1 7  DA 7  7  7  DA A A . n 
A 1 8  DC 8  8  8  DC C A . n 
A 1 9  DG 9  9  9  DG G A . n 
A 1 10 DC 10 10 10 DC C A . n 
B 1 1  DG 1  11 11 DG G B . n 
B 1 2  DC 2  12 12 DC C B . n 
B 1 3  DG 3  13 13 DG G B . n 
B 1 4  DT 4  14 14 DT T B . n 
B 1 5  A  5  15 15 A  A B . n 
B 1 6  DT 6  16 16 DT T B . n 
B 1 7  DA 7  17 17 DA A B . n 
B 1 8  DC 8  18 18 DC C B . n 
B 1 9  DG 9  19 19 DG G B . n 
B 1 10 DC 10 20 20 DC C B . n 
# 
loop_
_pdbx_nonpoly_scheme.asym_id 
_pdbx_nonpoly_scheme.entity_id 
_pdbx_nonpoly_scheme.mon_id 
_pdbx_nonpoly_scheme.ndb_seq_num 
_pdbx_nonpoly_scheme.pdb_seq_num 
_pdbx_nonpoly_scheme.auth_seq_num 
_pdbx_nonpoly_scheme.pdb_mon_id 
_pdbx_nonpoly_scheme.auth_mon_id 
_pdbx_nonpoly_scheme.pdb_strand_id 
_pdbx_nonpoly_scheme.pdb_ins_code 
C 2 HOH 1  22  22  HOH HOH A . 
C 2 HOH 2  24  24  HOH HOH A . 
C 2 HOH 3  25  25  HOH HOH A . 
C 2 HOH 4  27  27  HOH HOH A . 
C 2 HOH 5  28  28  HOH HOH A . 
C 2 HOH 6  30  30  HOH HOH A . 
C 2 HOH 7  32  32  HOH HOH A . 
C 2 HOH 8  33  33  HOH HOH A . 
C 2 HOH 9  34  34  HOH HOH A . 
C 2 HOH 10 35  35  HOH HOH A . 
C 2 HOH 11 37  37  HOH HOH A . 
C 2 HOH 12 38  38  HOH HOH A . 
C 2 HOH 13 39  39  HOH HOH A . 
C 2 HOH 14 40  40  HOH HOH A . 
C 2 HOH 15 41  41  HOH HOH A . 
C 2 HOH 16 42  42  HOH HOH A . 
C 2 HOH 17 43  43  HOH HOH A . 
C 2 HOH 18 44  44  HOH HOH A . 
C 2 HOH 19 45  45  HOH HOH A . 
C 2 HOH 20 46  46  HOH HOH A . 
C 2 HOH 21 47  47  HOH HOH A . 
C 2 HOH 22 50  50  HOH HOH A . 
C 2 HOH 23 51  51  HOH HOH A . 
C 2 HOH 24 53  53  HOH HOH A . 
C 2 HOH 25 55  55  HOH HOH A . 
C 2 HOH 26 59  59  HOH HOH A . 
C 2 HOH 27 67  67  HOH HOH A . 
C 2 HOH 28 69  69  HOH HOH A . 
C 2 HOH 29 70  70  HOH HOH A . 
C 2 HOH 30 71  71  HOH HOH A . 
C 2 HOH 31 74  74  HOH HOH A . 
C 2 HOH 32 75  75  HOH HOH A . 
C 2 HOH 33 76  76  HOH HOH A . 
C 2 HOH 34 77  77  HOH HOH A . 
C 2 HOH 35 79  79  HOH HOH A . 
C 2 HOH 36 81  81  HOH HOH A . 
C 2 HOH 37 82  82  HOH HOH A . 
C 2 HOH 38 83  83  HOH HOH A . 
C 2 HOH 39 85  85  HOH HOH A . 
C 2 HOH 40 88  88  HOH HOH A . 
C 2 HOH 41 91  91  HOH HOH A . 
C 2 HOH 42 93  93  HOH HOH A . 
C 2 HOH 43 95  95  HOH HOH A . 
C 2 HOH 44 96  96  HOH HOH A . 
C 2 HOH 45 98  98  HOH HOH A . 
C 2 HOH 46 99  99  HOH HOH A . 
C 2 HOH 47 100 100 HOH HOH A . 
C 2 HOH 48 102 102 HOH HOH A . 
C 2 HOH 49 108 108 HOH HOH A . 
C 2 HOH 50 111 111 HOH HOH A . 
C 2 HOH 51 112 112 HOH HOH A . 
C 2 HOH 52 113 113 HOH HOH A . 
C 2 HOH 53 114 114 HOH HOH A . 
D 2 HOH 1  21  21  HOH HOH B . 
D 2 HOH 2  23  23  HOH HOH B . 
D 2 HOH 3  26  26  HOH HOH B . 
D 2 HOH 4  29  29  HOH HOH B . 
D 2 HOH 5  31  31  HOH HOH B . 
D 2 HOH 6  36  36  HOH HOH B . 
D 2 HOH 7  48  48  HOH HOH B . 
D 2 HOH 8  49  49  HOH HOH B . 
D 2 HOH 9  52  52  HOH HOH B . 
D 2 HOH 10 54  54  HOH HOH B . 
D 2 HOH 11 56  56  HOH HOH B . 
D 2 HOH 12 57  57  HOH HOH B . 
D 2 HOH 13 58  58  HOH HOH B . 
D 2 HOH 14 60  60  HOH HOH B . 
D 2 HOH 15 61  61  HOH HOH B . 
D 2 HOH 16 62  62  HOH HOH B . 
D 2 HOH 17 63  63  HOH HOH B . 
D 2 HOH 18 64  64  HOH HOH B . 
D 2 HOH 19 65  65  HOH HOH B . 
D 2 HOH 20 66  66  HOH HOH B . 
D 2 HOH 21 68  68  HOH HOH B . 
D 2 HOH 22 72  72  HOH HOH B . 
D 2 HOH 23 73  73  HOH HOH B . 
D 2 HOH 24 78  78  HOH HOH B . 
D 2 HOH 25 80  80  HOH HOH B . 
D 2 HOH 26 84  84  HOH HOH B . 
D 2 HOH 27 86  86  HOH HOH B . 
D 2 HOH 28 87  87  HOH HOH B . 
D 2 HOH 29 89  89  HOH HOH B . 
D 2 HOH 30 90  90  HOH HOH B . 
D 2 HOH 31 92  92  HOH HOH B . 
D 2 HOH 32 94  94  HOH HOH B . 
D 2 HOH 33 97  97  HOH HOH B . 
D 2 HOH 34 101 101 HOH HOH B . 
D 2 HOH 35 103 103 HOH HOH B . 
D 2 HOH 36 104 104 HOH HOH B . 
D 2 HOH 37 105 105 HOH HOH B . 
D 2 HOH 38 106 106 HOH HOH B . 
D 2 HOH 39 107 107 HOH HOH B . 
D 2 HOH 40 109 109 HOH HOH B . 
D 2 HOH 41 110 110 HOH HOH B . 
# 
loop_
_software.name 
_software.classification 
_software.version 
_software.citation_id 
_software.pdbx_ordinal 
PROLSQ   refinement '(MODIFIED BY G.J.QUIGLEY)' ? 1 
MODIFIED refinement 'BY G.J.QUIGLEY'            ? 2 
# 
_cell.entry_id           1D88 
_cell.length_a           25.250 
_cell.length_b           45.730 
_cell.length_c           45.830 
_cell.angle_alpha        90.00 
_cell.angle_beta         90.00 
_cell.angle_gamma        90.00 
_cell.Z_PDB              8 
_cell.pdbx_unique_axis   ? 
_cell.length_a_esd       ? 
_cell.length_b_esd       ? 
_cell.length_c_esd       ? 
_cell.angle_alpha_esd    ? 
_cell.angle_beta_esd     ? 
_cell.angle_gamma_esd    ? 
# 
_symmetry.entry_id                         1D88 
_symmetry.space_group_name_H-M             'P 21 21 21' 
_symmetry.pdbx_full_space_group_name_H-M   ? 
_symmetry.cell_setting                     ? 
_symmetry.Int_Tables_number                19 
_symmetry.space_group_name_Hall            ? 
# 
_exptl.entry_id          1D88 
_exptl.method            'X-RAY DIFFRACTION' 
_exptl.crystals_number   ? 
# 
_exptl_crystal.id                    1 
_exptl_crystal.density_meas          ? 
_exptl_crystal.density_percent_sol   43.08 
_exptl_crystal.density_Matthews      2.16 
_exptl_crystal.description           ? 
_exptl_crystal.F_000                 ? 
_exptl_crystal.preparation           ? 
# 
_exptl_crystal_grow.crystal_id      1 
_exptl_crystal_grow.method          'VAPOR DIFFUSION, SITTING DROP' 
_exptl_crystal_grow.temp            291.00 
_exptl_crystal_grow.temp_details    ? 
_exptl_crystal_grow.pH              6.00 
_exptl_crystal_grow.pdbx_details    'pH 6.00, VAPOR DIFFUSION, SITTING DROP, temperature 291.00K' 
_exptl_crystal_grow.pdbx_pH_range   ? 
# 
loop_
_exptl_crystal_grow_comp.crystal_id 
_exptl_crystal_grow_comp.id 
_exptl_crystal_grow_comp.sol_id 
_exptl_crystal_grow_comp.name 
_exptl_crystal_grow_comp.volume 
_exptl_crystal_grow_comp.conc 
_exptl_crystal_grow_comp.details 
1 1 1 WATER           ? ? ? 
1 2 1 'NA CACODYLATE' ? ? ? 
1 3 1 MGCL2           ? ? ? 
1 4 1 SPERMINE        ? ? ? 
1 5 2 WATER           ? ? ? 
1 6 2 MPD             ? ? ? 
# 
_diffrn.id                     1 
_diffrn.ambient_temp           273.00 
_diffrn.ambient_temp_details   ? 
_diffrn.crystal_id             1 
# 
_diffrn_detector.diffrn_id              1 
_diffrn_detector.detector               DIFFRACTOMETER 
_diffrn_detector.type                   'RIGAKU AFC-5R' 
_diffrn_detector.pdbx_collection_date   ? 
_diffrn_detector.details                ? 
# 
_diffrn_radiation.diffrn_id                        1 
_diffrn_radiation.wavelength_id                    1 
_diffrn_radiation.pdbx_monochromatic_or_laue_m_l   ? 
_diffrn_radiation.monochromator                    ? 
_diffrn_radiation.pdbx_diffrn_protocol             ? 
_diffrn_radiation.pdbx_scattering_type             x-ray 
# 
_diffrn_radiation_wavelength.id           1 
_diffrn_radiation_wavelength.wavelength   . 
_diffrn_radiation_wavelength.wt           1.0 
# 
_diffrn_source.diffrn_id                   1 
_diffrn_source.source                      'ROTATING ANODE' 
_diffrn_source.type                        ? 
_diffrn_source.pdbx_synchrotron_site       ? 
_diffrn_source.pdbx_synchrotron_beamline   ? 
_diffrn_source.pdbx_wavelength             ? 
_diffrn_source.pdbx_wavelength_list        ? 
# 
_reflns.entry_id                     1D88 
_reflns.observed_criterion_sigma_I   ? 
_reflns.observed_criterion_sigma_F   2.000 
_reflns.d_resolution_low             ? 
_reflns.d_resolution_high            2.000 
_reflns.number_obs                   2285 
_reflns.number_all                   ? 
_reflns.percent_possible_obs         ? 
_reflns.pdbx_Rmerge_I_obs            ? 
_reflns.pdbx_Rsym_value              ? 
_reflns.pdbx_netI_over_sigmaI        ? 
_reflns.B_iso_Wilson_estimate        ? 
_reflns.pdbx_redundancy              ? 
_reflns.R_free_details               ? 
_reflns.pdbx_chi_squared             ? 
_reflns.pdbx_scaling_rejects         ? 
_reflns.pdbx_diffrn_id               1 
_reflns.pdbx_ordinal                 1 
# 
_refine.entry_id                                 1D88 
_refine.ls_number_reflns_obs                     2285 
_refine.ls_number_reflns_all                     ? 
_refine.pdbx_ls_sigma_I                          ? 
_refine.pdbx_ls_sigma_F                          2.000 
_refine.pdbx_data_cutoff_high_absF               ? 
_refine.pdbx_data_cutoff_low_absF                ? 
_refine.pdbx_data_cutoff_high_rms_absF           ? 
_refine.ls_d_res_low                             ? 
_refine.ls_d_res_high                            2.000 
_refine.ls_percent_reflns_obs                    ? 
_refine.ls_R_factor_obs                          0.1950000 
_refine.ls_R_factor_all                          ? 
_refine.ls_R_factor_R_work                       ? 
_refine.ls_R_factor_R_free                       ? 
_refine.ls_R_factor_R_free_error                 ? 
_refine.ls_R_factor_R_free_error_details         ? 
_refine.ls_percent_reflns_R_free                 ? 
_refine.ls_number_reflns_R_free                  ? 
_refine.ls_number_parameters                     ? 
_refine.ls_number_restraints                     ? 
_refine.occupancy_min                            ? 
_refine.occupancy_max                            ? 
_refine.B_iso_mean                               ? 
_refine.aniso_B[1][1]                            ? 
_refine.aniso_B[2][2]                            ? 
_refine.aniso_B[3][3]                            ? 
_refine.aniso_B[1][2]                            ? 
_refine.aniso_B[1][3]                            ? 
_refine.aniso_B[2][3]                            ? 
_refine.solvent_model_details                    ? 
_refine.solvent_model_param_ksol                 ? 
_refine.solvent_model_param_bsol                 ? 
_refine.pdbx_ls_cross_valid_method               ? 
_refine.details                                  ? 
_refine.pdbx_starting_model                      ? 
_refine.pdbx_method_to_determine_struct          ? 
_refine.pdbx_isotropic_thermal_model             ? 
_refine.pdbx_stereochemistry_target_values       ? 
_refine.pdbx_stereochem_target_val_spec_case     ? 
_refine.pdbx_R_Free_selection_details            ? 
_refine.pdbx_overall_ESU_R                       ? 
_refine.pdbx_overall_ESU_R_Free                  ? 
_refine.overall_SU_ML                            ? 
_refine.overall_SU_B                             ? 
_refine.pdbx_refine_id                           'X-RAY DIFFRACTION' 
_refine.ls_redundancy_reflns_obs                 ? 
_refine.pdbx_overall_phase_error                 ? 
_refine.correlation_coeff_Fo_to_Fc               ? 
_refine.correlation_coeff_Fo_to_Fc_free          ? 
_refine.pdbx_solvent_vdw_probe_radii             ? 
_refine.pdbx_solvent_ion_probe_radii             ? 
_refine.pdbx_solvent_shrinkage_radii             ? 
_refine.overall_SU_R_Cruickshank_DPI             ? 
_refine.overall_SU_R_free                        ? 
_refine.ls_wR_factor_R_free                      ? 
_refine.ls_wR_factor_R_work                      ? 
_refine.overall_FOM_free_R_set                   ? 
_refine.overall_FOM_work_R_set                   ? 
_refine.pdbx_diffrn_id                           1 
_refine.pdbx_TLS_residual_ADP_flag               ? 
_refine.pdbx_overall_SU_R_free_Cruickshank_DPI   ? 
_refine.pdbx_overall_SU_R_Blow_DPI               ? 
_refine.pdbx_overall_SU_R_free_Blow_DPI          ? 
# 
_refine_hist.pdbx_refine_id                   'X-RAY DIFFRACTION' 
_refine_hist.cycle_id                         LAST 
_refine_hist.pdbx_number_atoms_protein        0 
_refine_hist.pdbx_number_atoms_nucleic_acid   406 
_refine_hist.pdbx_number_atoms_ligand         0 
_refine_hist.number_atoms_solvent             94 
_refine_hist.number_atoms_total               500 
_refine_hist.d_res_high                       2.000 
_refine_hist.d_res_low                        . 
# 
loop_
_refine_ls_restr.type 
_refine_ls_restr.dev_ideal 
_refine_ls_restr.dev_ideal_target 
_refine_ls_restr.weight 
_refine_ls_restr.number 
_refine_ls_restr.pdbx_refine_id 
_refine_ls_restr.pdbx_restraint_function 
p_bond_d            0.020 ? ? ? 'X-RAY DIFFRACTION' ? 
p_angle_d           ?     ? ? ? 'X-RAY DIFFRACTION' ? 
p_angle_deg         ?     ? ? ? 'X-RAY DIFFRACTION' ? 
p_planar_d          ?     ? ? ? 'X-RAY DIFFRACTION' ? 
p_hb_or_metal_coord ?     ? ? ? 'X-RAY DIFFRACTION' ? 
p_mcbond_it         ?     ? ? ? 'X-RAY DIFFRACTION' ? 
p_mcangle_it        ?     ? ? ? 'X-RAY DIFFRACTION' ? 
p_scbond_it         ?     ? ? ? 'X-RAY DIFFRACTION' ? 
p_scangle_it        ?     ? ? ? 'X-RAY DIFFRACTION' ? 
p_plane_restr       0.010 ? ? ? 'X-RAY DIFFRACTION' ? 
p_chiral_restr      0.140 ? ? ? 'X-RAY DIFFRACTION' ? 
p_singtor_nbd       ?     ? ? ? 'X-RAY DIFFRACTION' ? 
p_multtor_nbd       ?     ? ? ? 'X-RAY DIFFRACTION' ? 
p_xhyhbond_nbd      ?     ? ? ? 'X-RAY DIFFRACTION' ? 
p_xyhbond_nbd       ?     ? ? ? 'X-RAY DIFFRACTION' ? 
p_planar_tor        ?     ? ? ? 'X-RAY DIFFRACTION' ? 
p_staggered_tor     ?     ? ? ? 'X-RAY DIFFRACTION' ? 
p_orthonormal_tor   ?     ? ? ? 'X-RAY DIFFRACTION' ? 
p_transverse_tor    ?     ? ? ? 'X-RAY DIFFRACTION' ? 
p_special_tor       ?     ? ? ? 'X-RAY DIFFRACTION' ? 
# 
_struct.entry_id                  1D88 
_struct.title                     
;CONFORMATIONAL INFLUENCE OF THE RIBOSE 2'-HYDROXYL GROUP: CRYSTAL STRUCTURES OF DNA-RNA CHIMERIC DUPLEXES
;
_struct.pdbx_model_details        ? 
_struct.pdbx_CASP_flag            ? 
_struct.pdbx_model_type_details   ? 
# 
_struct_keywords.entry_id        1D88 
_struct_keywords.pdbx_keywords   'DNA-RNA HYBRID' 
_struct_keywords.text            'A-DNA/RNA, DOUBLE HELIX, DNA-RNA HYBRID COMPLEX, DNA-RNA HYBRID' 
# 
loop_
_struct_asym.id 
_struct_asym.pdbx_blank_PDB_chainid_flag 
_struct_asym.pdbx_modified 
_struct_asym.entity_id 
_struct_asym.details 
A N N 1 ? 
B N N 1 ? 
C N N 2 ? 
D N N 2 ? 
# 
_struct_ref.id                         1 
_struct_ref.entity_id                  1 
_struct_ref.db_name                    PDB 
_struct_ref.db_code                    1D88 
_struct_ref.pdbx_db_accession          1D88 
_struct_ref.pdbx_align_begin           ? 
_struct_ref.pdbx_seq_one_letter_code   ? 
_struct_ref.pdbx_db_isoform            ? 
# 
loop_
_struct_ref_seq.align_id 
_struct_ref_seq.ref_id 
_struct_ref_seq.pdbx_PDB_id_code 
_struct_ref_seq.pdbx_strand_id 
_struct_ref_seq.seq_align_beg 
_struct_ref_seq.pdbx_seq_align_beg_ins_code 
_struct_ref_seq.seq_align_end 
_struct_ref_seq.pdbx_seq_align_end_ins_code 
_struct_ref_seq.pdbx_db_accession 
_struct_ref_seq.db_align_beg 
_struct_ref_seq.pdbx_db_align_beg_ins_code 
_struct_ref_seq.db_align_end 
_struct_ref_seq.pdbx_db_align_end_ins_code 
_struct_ref_seq.pdbx_auth_seq_align_beg 
_struct_ref_seq.pdbx_auth_seq_align_end 
1 1 1D88 A 1 ? 10 ? 1D88 1  ? 10 ? 1  10 
2 1 1D88 B 1 ? 10 ? 1D88 11 ? 20 ? 11 20 
# 
_pdbx_struct_assembly.id                   1 
_pdbx_struct_assembly.details              author_defined_assembly 
_pdbx_struct_assembly.method_details       ? 
_pdbx_struct_assembly.oligomeric_details   dimeric 
_pdbx_struct_assembly.oligomeric_count     2 
# 
_pdbx_struct_assembly_gen.assembly_id       1 
_pdbx_struct_assembly_gen.oper_expression   1 
_pdbx_struct_assembly_gen.asym_id_list      A,B,C,D 
# 
_pdbx_struct_oper_list.id                   1 
_pdbx_struct_oper_list.type                 'identity operation' 
_pdbx_struct_oper_list.name                 1_555 
_pdbx_struct_oper_list.symmetry_operation   x,y,z 
_pdbx_struct_oper_list.matrix[1][1]         1.0000000000 
_pdbx_struct_oper_list.matrix[1][2]         0.0000000000 
_pdbx_struct_oper_list.matrix[1][3]         0.0000000000 
_pdbx_struct_oper_list.vector[1]            0.0000000000 
_pdbx_struct_oper_list.matrix[2][1]         0.0000000000 
_pdbx_struct_oper_list.matrix[2][2]         1.0000000000 
_pdbx_struct_oper_list.matrix[2][3]         0.0000000000 
_pdbx_struct_oper_list.vector[2]            0.0000000000 
_pdbx_struct_oper_list.matrix[3][1]         0.0000000000 
_pdbx_struct_oper_list.matrix[3][2]         0.0000000000 
_pdbx_struct_oper_list.matrix[3][3]         1.0000000000 
_pdbx_struct_oper_list.vector[3]            0.0000000000 
# 
_struct_biol.id        1 
_struct_biol.details   ? 
# 
loop_
_struct_conn.id 
_struct_conn.conn_type_id 
_struct_conn.pdbx_leaving_atom_flag 
_struct_conn.pdbx_PDB_id 
_struct_conn.ptnr1_label_asym_id 
_struct_conn.ptnr1_label_comp_id 
_struct_conn.ptnr1_label_seq_id 
_struct_conn.ptnr1_label_atom_id 
_struct_conn.pdbx_ptnr1_label_alt_id 
_struct_conn.pdbx_ptnr1_PDB_ins_code 
_struct_conn.pdbx_ptnr1_standard_comp_id 
_struct_conn.ptnr1_symmetry 
_struct_conn.ptnr2_label_asym_id 
_struct_conn.ptnr2_label_comp_id 
_struct_conn.ptnr2_label_seq_id 
_struct_conn.ptnr2_label_atom_id 
_struct_conn.pdbx_ptnr2_label_alt_id 
_struct_conn.pdbx_ptnr2_PDB_ins_code 
_struct_conn.ptnr1_auth_asym_id 
_struct_conn.ptnr1_auth_comp_id 
_struct_conn.ptnr1_auth_seq_id 
_struct_conn.ptnr2_auth_asym_id 
_struct_conn.ptnr2_auth_comp_id 
_struct_conn.ptnr2_auth_seq_id 
_struct_conn.ptnr2_symmetry 
_struct_conn.pdbx_ptnr3_label_atom_id 
_struct_conn.pdbx_ptnr3_label_seq_id 
_struct_conn.pdbx_ptnr3_label_comp_id 
_struct_conn.pdbx_ptnr3_label_asym_id 
_struct_conn.pdbx_ptnr3_label_alt_id 
_struct_conn.pdbx_ptnr3_PDB_ins_code 
_struct_conn.details 
_struct_conn.pdbx_dist_value 
_struct_conn.pdbx_value_order 
_struct_conn.pdbx_role 
hydrog1  hydrog ? ? A DG 1  N1 ? ? ? 1_555 B DC 10 N3 ? ? A DG 1  B DC 20 1_555 ? ? ? ? ? ? WATSON-CRICK ? ? ? 
hydrog2  hydrog ? ? A DG 1  N2 ? ? ? 1_555 B DC 10 O2 ? ? A DG 1  B DC 20 1_555 ? ? ? ? ? ? WATSON-CRICK ? ? ? 
hydrog3  hydrog ? ? A DG 1  O6 ? ? ? 1_555 B DC 10 N4 ? ? A DG 1  B DC 20 1_555 ? ? ? ? ? ? WATSON-CRICK ? ? ? 
hydrog4  hydrog ? ? A DC 2  N3 ? ? ? 1_555 B DG 9  N1 ? ? A DC 2  B DG 19 1_555 ? ? ? ? ? ? WATSON-CRICK ? ? ? 
hydrog5  hydrog ? ? A DC 2  N4 ? ? ? 1_555 B DG 9  O6 ? ? A DC 2  B DG 19 1_555 ? ? ? ? ? ? WATSON-CRICK ? ? ? 
hydrog6  hydrog ? ? A DC 2  O2 ? ? ? 1_555 B DG 9  N2 ? ? A DC 2  B DG 19 1_555 ? ? ? ? ? ? WATSON-CRICK ? ? ? 
hydrog7  hydrog ? ? A DG 3  N1 ? ? ? 1_555 B DC 8  N3 ? ? A DG 3  B DC 18 1_555 ? ? ? ? ? ? WATSON-CRICK ? ? ? 
hydrog8  hydrog ? ? A DG 3  N2 ? ? ? 1_555 B DC 8  O2 ? ? A DG 3  B DC 18 1_555 ? ? ? ? ? ? WATSON-CRICK ? ? ? 
hydrog9  hydrog ? ? A DG 3  O6 ? ? ? 1_555 B DC 8  N4 ? ? A DG 3  B DC 18 1_555 ? ? ? ? ? ? WATSON-CRICK ? ? ? 
hydrog10 hydrog ? ? A DT 4  N3 ? ? ? 1_555 B DA 7  N1 ? ? A DT 4  B DA 17 1_555 ? ? ? ? ? ? WATSON-CRICK ? ? ? 
hydrog11 hydrog ? ? A DT 4  O4 ? ? ? 1_555 B DA 7  N6 ? ? A DT 4  B DA 17 1_555 ? ? ? ? ? ? WATSON-CRICK ? ? ? 
hydrog12 hydrog ? ? A A  5  N1 ? ? ? 1_555 B DT 6  N3 ? ? A A  5  B DT 16 1_555 ? ? ? ? ? ? WATSON-CRICK ? ? ? 
hydrog13 hydrog ? ? A A  5  N6 ? ? ? 1_555 B DT 6  O4 ? ? A A  5  B DT 16 1_555 ? ? ? ? ? ? WATSON-CRICK ? ? ? 
hydrog14 hydrog ? ? A DT 6  N3 ? ? ? 1_555 B A  5  N1 ? ? A DT 6  B A  15 1_555 ? ? ? ? ? ? WATSON-CRICK ? ? ? 
hydrog15 hydrog ? ? A DT 6  O4 ? ? ? 1_555 B A  5  N6 ? ? A DT 6  B A  15 1_555 ? ? ? ? ? ? WATSON-CRICK ? ? ? 
hydrog16 hydrog ? ? A DA 7  N1 ? ? ? 1_555 B DT 4  N3 ? ? A DA 7  B DT 14 1_555 ? ? ? ? ? ? WATSON-CRICK ? ? ? 
hydrog17 hydrog ? ? A DA 7  N6 ? ? ? 1_555 B DT 4  O4 ? ? A DA 7  B DT 14 1_555 ? ? ? ? ? ? WATSON-CRICK ? ? ? 
hydrog18 hydrog ? ? A DC 8  N3 ? ? ? 1_555 B DG 3  N1 ? ? A DC 8  B DG 13 1_555 ? ? ? ? ? ? WATSON-CRICK ? ? ? 
hydrog19 hydrog ? ? A DC 8  N4 ? ? ? 1_555 B DG 3  O6 ? ? A DC 8  B DG 13 1_555 ? ? ? ? ? ? WATSON-CRICK ? ? ? 
hydrog20 hydrog ? ? A DC 8  O2 ? ? ? 1_555 B DG 3  N2 ? ? A DC 8  B DG 13 1_555 ? ? ? ? ? ? WATSON-CRICK ? ? ? 
hydrog21 hydrog ? ? A DG 9  N1 ? ? ? 1_555 B DC 2  N3 ? ? A DG 9  B DC 12 1_555 ? ? ? ? ? ? WATSON-CRICK ? ? ? 
hydrog22 hydrog ? ? A DG 9  N2 ? ? ? 1_555 B DC 2  O2 ? ? A DG 9  B DC 12 1_555 ? ? ? ? ? ? WATSON-CRICK ? ? ? 
hydrog23 hydrog ? ? A DG 9  O6 ? ? ? 1_555 B DC 2  N4 ? ? A DG 9  B DC 12 1_555 ? ? ? ? ? ? WATSON-CRICK ? ? ? 
hydrog24 hydrog ? ? A DC 10 N3 ? ? ? 1_555 B DG 1  N1 ? ? A DC 10 B DG 11 1_555 ? ? ? ? ? ? WATSON-CRICK ? ? ? 
hydrog25 hydrog ? ? A DC 10 N4 ? ? ? 1_555 B DG 1  O6 ? ? A DC 10 B DG 11 1_555 ? ? ? ? ? ? WATSON-CRICK ? ? ? 
hydrog26 hydrog ? ? A DC 10 O2 ? ? ? 1_555 B DG 1  N2 ? ? A DC 10 B DG 11 1_555 ? ? ? ? ? ? WATSON-CRICK ? ? ? 
# 
_struct_conn_type.id          hydrog 
_struct_conn_type.criteria    ? 
_struct_conn_type.reference   ? 
# 
_pdbx_validate_close_contact.id               1 
_pdbx_validate_close_contact.PDB_model_num    1 
_pdbx_validate_close_contact.auth_atom_id_1   O2 
_pdbx_validate_close_contact.auth_asym_id_1   B 
_pdbx_validate_close_contact.auth_comp_id_1   DC 
_pdbx_validate_close_contact.auth_seq_id_1    20 
_pdbx_validate_close_contact.PDB_ins_code_1   ? 
_pdbx_validate_close_contact.label_alt_id_1   ? 
_pdbx_validate_close_contact.auth_atom_id_2   O 
_pdbx_validate_close_contact.auth_asym_id_2   B 
_pdbx_validate_close_contact.auth_comp_id_2   HOH 
_pdbx_validate_close_contact.auth_seq_id_2    109 
_pdbx_validate_close_contact.PDB_ins_code_2   ? 
_pdbx_validate_close_contact.label_alt_id_2   ? 
_pdbx_validate_close_contact.dist             2.15 
# 
loop_
_pdbx_validate_symm_contact.id 
_pdbx_validate_symm_contact.PDB_model_num 
_pdbx_validate_symm_contact.auth_atom_id_1 
_pdbx_validate_symm_contact.auth_asym_id_1 
_pdbx_validate_symm_contact.auth_comp_id_1 
_pdbx_validate_symm_contact.auth_seq_id_1 
_pdbx_validate_symm_contact.PDB_ins_code_1 
_pdbx_validate_symm_contact.label_alt_id_1 
_pdbx_validate_symm_contact.site_symmetry_1 
_pdbx_validate_symm_contact.auth_atom_id_2 
_pdbx_validate_symm_contact.auth_asym_id_2 
_pdbx_validate_symm_contact.auth_comp_id_2 
_pdbx_validate_symm_contact.auth_seq_id_2 
_pdbx_validate_symm_contact.PDB_ins_code_2 
_pdbx_validate_symm_contact.label_alt_id_2 
_pdbx_validate_symm_contact.site_symmetry_2 
_pdbx_validate_symm_contact.dist 
1 1 O     A HOH 38 ? ? 1_555 O  A HOH 113 ? ? 2_454 1.64 
2 1 O     A HOH 41 ? ? 1_555 O  A HOH 85  ? ? 2_454 2.01 
3 1 "O3'" A DC  10 ? ? 1_555 N2 B DG  19  ? ? 3_555 2.13 
4 1 N2    B DG  11 ? ? 1_555 O2 B DC  18  ? ? 3_555 2.15 
# 
loop_
_pdbx_validate_rmsd_bond.id 
_pdbx_validate_rmsd_bond.PDB_model_num 
_pdbx_validate_rmsd_bond.auth_atom_id_1 
_pdbx_validate_rmsd_bond.auth_asym_id_1 
_pdbx_validate_rmsd_bond.auth_comp_id_1 
_pdbx_validate_rmsd_bond.auth_seq_id_1 
_pdbx_validate_rmsd_bond.PDB_ins_code_1 
_pdbx_validate_rmsd_bond.label_alt_id_1 
_pdbx_validate_rmsd_bond.auth_atom_id_2 
_pdbx_validate_rmsd_bond.auth_asym_id_2 
_pdbx_validate_rmsd_bond.auth_comp_id_2 
_pdbx_validate_rmsd_bond.auth_seq_id_2 
_pdbx_validate_rmsd_bond.PDB_ins_code_2 
_pdbx_validate_rmsd_bond.label_alt_id_2 
_pdbx_validate_rmsd_bond.bond_value 
_pdbx_validate_rmsd_bond.bond_target_value 
_pdbx_validate_rmsd_bond.bond_deviation 
_pdbx_validate_rmsd_bond.bond_standard_deviation 
_pdbx_validate_rmsd_bond.linker_flag 
1  1 C6    A DG 1  ? ? N1    A DG 1  ? ? 1.344 1.391 -0.047 0.007 N 
2  1 C2    A DG 1  ? ? N2    A DG 1  ? ? 1.230 1.341 -0.111 0.010 N 
3  1 "O3'" A DC 2  ? ? "C3'" A DC 2  ? ? 1.375 1.419 -0.044 0.006 N 
4  1 "C4'" A DG 3  ? ? "C3'" A DG 3  ? ? 1.603 1.529 0.074  0.010 N 
5  1 "C2'" A DG 3  ? ? "C1'" A DG 3  ? ? 1.582 1.519 0.063  0.010 N 
6  1 "O3'" A DG 3  ? ? "C3'" A DG 3  ? ? 1.379 1.419 -0.040 0.006 N 
7  1 C6    A DG 3  ? ? N1    A DG 3  ? ? 1.345 1.391 -0.046 0.007 N 
8  1 C8    A DG 3  ? ? N9    A DG 3  ? ? 1.320 1.374 -0.054 0.007 N 
9  1 C2    A DG 3  ? ? N2    A DG 3  ? ? 1.226 1.341 -0.115 0.010 N 
10 1 P     A DT 4  ? ? "O5'" A DT 4  ? ? 1.662 1.593 0.069  0.010 N 
11 1 "C5'" A A  5  ? ? "C4'" A A  5  ? ? 1.458 1.508 -0.050 0.007 N 
12 1 "O3'" A DT 6  ? ? "C3'" A DT 6  ? ? 1.357 1.419 -0.062 0.006 N 
13 1 "C4'" A DA 7  ? ? "C3'" A DA 7  ? ? 1.597 1.529 0.068  0.010 N 
14 1 "O3'" A DA 7  ? ? "C3'" A DA 7  ? ? 1.341 1.419 -0.078 0.006 N 
15 1 "C2'" A DC 8  ? ? "C1'" A DC 8  ? ? 1.592 1.519 0.073  0.010 N 
16 1 "O3'" A DC 8  ? ? "C3'" A DC 8  ? ? 1.376 1.419 -0.043 0.006 N 
17 1 C6    A DG 9  ? ? N1    A DG 9  ? ? 1.342 1.391 -0.049 0.007 N 
18 1 C2    A DG 9  ? ? N2    A DG 9  ? ? 1.230 1.341 -0.111 0.010 N 
19 1 N3    A DC 10 ? ? C4    A DC 10 ? ? 1.384 1.335 0.049  0.007 N 
20 1 "C2'" B DG 11 ? ? "C1'" B DG 11 ? ? 1.594 1.519 0.075  0.010 N 
21 1 C6    B DG 11 ? ? N1    B DG 11 ? ? 1.332 1.391 -0.059 0.007 N 
22 1 C2    B DG 11 ? ? N2    B DG 11 ? ? 1.234 1.341 -0.107 0.010 N 
23 1 N3    B DC 12 ? ? C4    B DC 12 ? ? 1.377 1.335 0.042  0.007 N 
24 1 "O3'" B DG 13 ? ? "C3'" B DG 13 ? ? 1.374 1.419 -0.045 0.006 N 
25 1 C6    B DG 13 ? ? N1    B DG 13 ? ? 1.340 1.391 -0.051 0.007 N 
26 1 C2    B DG 13 ? ? N2    B DG 13 ? ? 1.236 1.341 -0.105 0.010 N 
27 1 P     B A  15 ? ? "O5'" B A  15 ? ? 1.660 1.593 0.067  0.010 N 
28 1 "O3'" B DT 16 ? ? "C3'" B DT 16 ? ? 1.381 1.419 -0.038 0.006 N 
29 1 "C2'" B DC 18 ? ? "C1'" B DC 18 ? ? 1.589 1.519 0.070  0.010 N 
30 1 N3    B DC 18 ? ? C4    B DC 18 ? ? 1.392 1.335 0.057  0.007 N 
31 1 C6    B DG 19 ? ? N1    B DG 19 ? ? 1.335 1.391 -0.056 0.007 N 
32 1 C8    B DG 19 ? ? N9    B DG 19 ? ? 1.324 1.374 -0.050 0.007 N 
33 1 C2    B DG 19 ? ? N2    B DG 19 ? ? 1.237 1.341 -0.104 0.010 N 
# 
loop_
_pdbx_validate_rmsd_angle.id 
_pdbx_validate_rmsd_angle.PDB_model_num 
_pdbx_validate_rmsd_angle.auth_atom_id_1 
_pdbx_validate_rmsd_angle.auth_asym_id_1 
_pdbx_validate_rmsd_angle.auth_comp_id_1 
_pdbx_validate_rmsd_angle.auth_seq_id_1 
_pdbx_validate_rmsd_angle.PDB_ins_code_1 
_pdbx_validate_rmsd_angle.label_alt_id_1 
_pdbx_validate_rmsd_angle.auth_atom_id_2 
_pdbx_validate_rmsd_angle.auth_asym_id_2 
_pdbx_validate_rmsd_angle.auth_comp_id_2 
_pdbx_validate_rmsd_angle.auth_seq_id_2 
_pdbx_validate_rmsd_angle.PDB_ins_code_2 
_pdbx_validate_rmsd_angle.label_alt_id_2 
_pdbx_validate_rmsd_angle.auth_atom_id_3 
_pdbx_validate_rmsd_angle.auth_asym_id_3 
_pdbx_validate_rmsd_angle.auth_comp_id_3 
_pdbx_validate_rmsd_angle.auth_seq_id_3 
_pdbx_validate_rmsd_angle.PDB_ins_code_3 
_pdbx_validate_rmsd_angle.label_alt_id_3 
_pdbx_validate_rmsd_angle.angle_value 
_pdbx_validate_rmsd_angle.angle_target_value 
_pdbx_validate_rmsd_angle.angle_deviation 
_pdbx_validate_rmsd_angle.angle_standard_deviation 
_pdbx_validate_rmsd_angle.linker_flag 
1   1 "O4'" A DG 1  ? ? "C1'" A DG 1  ? ? N9    A DG 1  ? ? 112.68 108.30 4.38   0.30 N 
2   1 C6    A DG 1  ? ? N1    A DG 1  ? ? C2    A DG 1  ? ? 118.77 125.10 -6.33  0.60 N 
3   1 N1    A DG 1  ? ? C2    A DG 1  ? ? N3    A DG 1  ? ? 128.96 123.90 5.06   0.60 N 
4   1 C5    A DG 1  ? ? C6    A DG 1  ? ? N1    A DG 1  ? ? 117.55 111.50 6.05   0.50 N 
5   1 N1    A DG 1  ? ? C2    A DG 1  ? ? N2    A DG 1  ? ? 124.85 116.20 8.65   0.90 N 
6   1 N3    A DG 1  ? ? C2    A DG 1  ? ? N2    A DG 1  ? ? 106.18 119.90 -13.72 0.70 N 
7   1 C5    A DG 1  ? ? C6    A DG 1  ? ? O6    A DG 1  ? ? 124.05 128.60 -4.55  0.60 N 
8   1 "O4'" A DC 2  ? ? "C4'" A DC 2  ? ? "C3'" A DC 2  ? ? 98.56  104.50 -5.94  0.40 N 
9   1 "C4'" A DC 2  ? ? "C3'" A DC 2  ? ? "C2'" A DC 2  ? ? 97.17  102.20 -5.03  0.70 N 
10  1 C2    A DC 2  ? ? N3    A DC 2  ? ? C4    A DC 2  ? ? 125.07 119.90 5.17   0.50 N 
11  1 N3    A DC 2  ? ? C4    A DC 2  ? ? C5    A DC 2  ? ? 116.25 121.90 -5.65  0.40 N 
12  1 N1    A DC 2  ? ? C2    A DC 2  ? ? O2    A DC 2  ? ? 125.52 118.90 6.62   0.60 N 
13  1 C5    A DC 2  ? ? C4    A DC 2  ? ? N4    A DC 2  ? ? 124.70 120.20 4.50   0.70 N 
14  1 "O5'" A DG 3  ? ? P     A DG 3  ? ? OP1   A DG 3  ? ? 98.72  105.70 -6.98  0.90 N 
15  1 "O4'" A DG 3  ? ? "C4'" A DG 3  ? ? "C3'" A DG 3  ? ? 101.47 104.50 -3.03  0.40 N 
16  1 "C5'" A DG 3  ? ? "C4'" A DG 3  ? ? "O4'" A DG 3  ? ? 119.48 109.80 9.68   1.10 N 
17  1 "C1'" A DG 3  ? ? "O4'" A DG 3  ? ? "C4'" A DG 3  ? ? 115.64 110.30 5.34   0.70 N 
18  1 "O4'" A DG 3  ? ? "C1'" A DG 3  ? ? N9    A DG 3  ? ? 116.57 108.30 8.27   0.30 N 
19  1 C6    A DG 3  ? ? N1    A DG 3  ? ? C2    A DG 3  ? ? 119.71 125.10 -5.39  0.60 N 
20  1 N1    A DG 3  ? ? C2    A DG 3  ? ? N3    A DG 3  ? ? 128.11 123.90 4.21   0.60 N 
21  1 C5    A DG 3  ? ? C6    A DG 3  ? ? N1    A DG 3  ? ? 117.89 111.50 6.39   0.50 N 
22  1 N1    A DG 3  ? ? C2    A DG 3  ? ? N2    A DG 3  ? ? 122.43 116.20 6.23   0.90 N 
23  1 N3    A DG 3  ? ? C2    A DG 3  ? ? N2    A DG 3  ? ? 109.46 119.90 -10.44 0.70 N 
24  1 C5    A DG 3  ? ? C6    A DG 3  ? ? O6    A DG 3  ? ? 122.00 128.60 -6.60  0.60 N 
25  1 "O5'" A DT 4  ? ? P     A DT 4  ? ? OP2   A DT 4  ? ? 99.35  105.70 -6.35  0.90 N 
26  1 P     A DT 4  ? ? "O5'" A DT 4  ? ? "C5'" A DT 4  ? ? 103.24 120.90 -17.66 1.60 N 
27  1 "O4'" A DT 4  ? ? "C1'" A DT 4  ? ? N1    A DT 4  ? ? 100.36 108.00 -7.64  0.70 N 
28  1 C4    A DT 4  ? ? C5    A DT 4  ? ? C7    A DT 4  ? ? 124.17 119.00 5.17   0.60 N 
29  1 C6    A DT 4  ? ? C5    A DT 4  ? ? C7    A DT 4  ? ? 117.29 122.90 -5.61  0.60 N 
30  1 "O5'" A A  5  ? ? P     A A  5  ? ? OP1   A A  5  ? ? 99.14  105.70 -6.56  0.90 N 
31  1 "O5'" A A  5  ? ? "C5'" A A  5  ? ? "C4'" A A  5  ? ? 126.52 111.70 14.82  1.90 N 
32  1 P     A A  5  ? ? "O5'" A A  5  ? ? "C5'" A A  5  ? ? 110.14 120.90 -10.76 1.60 N 
33  1 N9    A A  5  ? ? "C1'" A A  5  ? ? "C2'" A A  5  ? ? 104.17 112.00 -7.83  1.10 N 
34  1 "C3'" A DT 6  ? ? "O3'" A DT 6  ? ? P     A DA 7  ? ? 130.22 119.70 10.52  1.20 Y 
35  1 "O5'" A DA 7  ? ? P     A DA 7  ? ? OP1   A DA 7  ? ? 97.79  105.70 -7.91  0.90 N 
36  1 P     A DA 7  ? ? "O5'" A DA 7  ? ? "C5'" A DA 7  ? ? 111.04 120.90 -9.86  1.60 N 
37  1 "O4'" A DA 7  ? ? "C4'" A DA 7  ? ? "C3'" A DA 7  ? ? 101.14 104.50 -3.36  0.40 N 
38  1 "C4'" A DA 7  ? ? "C3'" A DA 7  ? ? "C2'" A DA 7  ? ? 97.36  102.20 -4.84  0.70 N 
39  1 "C3'" A DA 7  ? ? "C2'" A DA 7  ? ? "C1'" A DA 7  ? ? 97.59  102.40 -4.81  0.80 N 
40  1 "O4'" A DA 7  ? ? "C1'" A DA 7  ? ? N9    A DA 7  ? ? 110.21 108.30 1.91   0.30 N 
41  1 "C3'" A DA 7  ? ? "O3'" A DA 7  ? ? P     A DC 8  ? ? 137.20 119.70 17.50  1.20 Y 
42  1 "O5'" A DC 8  ? ? P     A DC 8  ? ? OP1   A DC 8  ? ? 98.78  105.70 -6.92  0.90 N 
43  1 "O4'" A DC 8  ? ? "C4'" A DC 8  ? ? "C3'" A DC 8  ? ? 99.19  104.50 -5.31  0.40 N 
44  1 "O4'" A DC 8  ? ? "C1'" A DC 8  ? ? N1    A DC 8  ? ? 112.15 108.30 3.85   0.30 N 
45  1 C2    A DC 8  ? ? N3    A DC 8  ? ? C4    A DC 8  ? ? 125.07 119.90 5.17   0.50 N 
46  1 N3    A DC 8  ? ? C4    A DC 8  ? ? C5    A DC 8  ? ? 116.91 121.90 -4.99  0.40 N 
47  1 N1    A DC 8  ? ? C2    A DC 8  ? ? O2    A DC 8  ? ? 124.64 118.90 5.74   0.60 N 
48  1 C5    A DC 8  ? ? C4    A DC 8  ? ? N4    A DC 8  ? ? 126.36 120.20 6.16   0.70 N 
49  1 "O5'" A DG 9  ? ? P     A DG 9  ? ? OP1   A DG 9  ? ? 99.15  105.70 -6.55  0.90 N 
50  1 C6    A DG 9  ? ? N1    A DG 9  ? ? C2    A DG 9  ? ? 118.03 125.10 -7.07  0.60 N 
51  1 N1    A DG 9  ? ? C2    A DG 9  ? ? N3    A DG 9  ? ? 130.29 123.90 6.39   0.60 N 
52  1 C2    A DG 9  ? ? N3    A DG 9  ? ? C4    A DG 9  ? ? 108.61 111.90 -3.29  0.50 N 
53  1 C5    A DG 9  ? ? C6    A DG 9  ? ? N1    A DG 9  ? ? 117.57 111.50 6.07   0.50 N 
54  1 N3    A DG 9  ? ? C2    A DG 9  ? ? N2    A DG 9  ? ? 109.79 119.90 -10.11 0.70 N 
55  1 C5    A DG 9  ? ? C6    A DG 9  ? ? O6    A DG 9  ? ? 122.77 128.60 -5.83  0.60 N 
56  1 "O5'" A DC 10 ? ? P     A DC 10 ? ? OP1   A DC 10 ? ? 98.89  105.70 -6.81  0.90 N 
57  1 C2    A DC 10 ? ? N3    A DC 10 ? ? C4    A DC 10 ? ? 124.12 119.90 4.22   0.50 N 
58  1 N3    A DC 10 ? ? C4    A DC 10 ? ? C5    A DC 10 ? ? 118.05 121.90 -3.85  0.40 N 
59  1 N1    A DC 10 ? ? C2    A DC 10 ? ? O2    A DC 10 ? ? 125.42 118.90 6.52   0.60 N 
60  1 C6    B DG 11 ? ? N1    B DG 11 ? ? C2    B DG 11 ? ? 119.45 125.10 -5.65  0.60 N 
61  1 N1    B DG 11 ? ? C2    B DG 11 ? ? N3    B DG 11 ? ? 129.22 123.90 5.32   0.60 N 
62  1 C5    B DG 11 ? ? C6    B DG 11 ? ? N1    B DG 11 ? ? 117.26 111.50 5.76   0.50 N 
63  1 N3    B DG 11 ? ? C2    B DG 11 ? ? N2    B DG 11 ? ? 109.84 119.90 -10.06 0.70 N 
64  1 C5    B DG 11 ? ? C6    B DG 11 ? ? O6    B DG 11 ? ? 123.54 128.60 -5.06  0.60 N 
65  1 "O5'" B DC 12 ? ? P     B DC 12 ? ? OP1   B DC 12 ? ? 99.87  105.70 -5.83  0.90 N 
66  1 "O4'" B DC 12 ? ? "C1'" B DC 12 ? ? N1    B DC 12 ? ? 111.45 108.30 3.15   0.30 N 
67  1 C2    B DC 12 ? ? N3    B DC 12 ? ? C4    B DC 12 ? ? 124.13 119.90 4.23   0.50 N 
68  1 N3    B DC 12 ? ? C4    B DC 12 ? ? C5    B DC 12 ? ? 116.54 121.90 -5.36  0.40 N 
69  1 C5    B DC 12 ? ? C6    B DC 12 ? ? N1    B DC 12 ? ? 124.59 121.00 3.59   0.50 N 
70  1 N1    B DC 12 ? ? C2    B DC 12 ? ? O2    B DC 12 ? ? 123.25 118.90 4.35   0.60 N 
71  1 C5    B DC 12 ? ? C4    B DC 12 ? ? N4    B DC 12 ? ? 125.49 120.20 5.29   0.70 N 
72  1 "O5'" B DG 13 ? ? P     B DG 13 ? ? OP1   B DG 13 ? ? 96.41  105.70 -9.29  0.90 N 
73  1 P     B DG 13 ? ? "O5'" B DG 13 ? ? "C5'" B DG 13 ? ? 107.81 120.90 -13.09 1.60 N 
74  1 "O4'" B DG 13 ? ? "C4'" B DG 13 ? ? "C3'" B DG 13 ? ? 97.63  104.50 -6.87  0.40 N 
75  1 "O4'" B DG 13 ? ? "C1'" B DG 13 ? ? N9    B DG 13 ? ? 115.42 108.30 7.12   0.30 N 
76  1 C6    B DG 13 ? ? N1    B DG 13 ? ? C2    B DG 13 ? ? 120.30 125.10 -4.80  0.60 N 
77  1 C5    B DG 13 ? ? C6    B DG 13 ? ? N1    B DG 13 ? ? 117.87 111.50 6.37   0.50 N 
78  1 N1    B DG 13 ? ? C2    B DG 13 ? ? N2    B DG 13 ? ? 125.53 116.20 9.33   0.90 N 
79  1 N3    B DG 13 ? ? C2    B DG 13 ? ? N2    B DG 13 ? ? 107.16 119.90 -12.74 0.70 N 
80  1 C5    B DG 13 ? ? C6    B DG 13 ? ? O6    B DG 13 ? ? 122.27 128.60 -6.33  0.60 N 
81  1 "C3'" B DG 13 ? ? "O3'" B DG 13 ? ? P     B DT 14 ? ? 106.70 119.70 -13.00 1.20 Y 
82  1 "O5'" B DT 14 ? ? P     B DT 14 ? ? OP1   B DT 14 ? ? 100.10 105.70 -5.60  0.90 N 
83  1 P     B DT 14 ? ? "O5'" B DT 14 ? ? "C5'" B DT 14 ? ? 105.59 120.90 -15.31 1.60 N 
84  1 "C3'" B DT 14 ? ? "C2'" B DT 14 ? ? "C1'" B DT 14 ? ? 96.40  102.40 -6.00  0.80 N 
85  1 "O4'" B DT 14 ? ? "C1'" B DT 14 ? ? N1    B DT 14 ? ? 111.15 108.30 2.85   0.30 N 
86  1 N3    B DT 14 ? ? C2    B DT 14 ? ? O2    B DT 14 ? ? 117.47 122.30 -4.83  0.60 N 
87  1 N3    B DT 14 ? ? C4    B DT 14 ? ? O4    B DT 14 ? ? 116.17 119.90 -3.73  0.60 N 
88  1 "O5'" B A  15 ? ? P     B A  15 ? ? OP1   B A  15 ? ? 99.29  105.70 -6.41  0.90 N 
89  1 P     B A  15 ? ? "O5'" B A  15 ? ? "C5'" B A  15 ? ? 106.90 120.90 -14.00 1.60 N 
90  1 N9    B A  15 ? ? "C1'" B A  15 ? ? "C2'" B A  15 ? ? 104.07 112.00 -7.93  1.10 N 
91  1 "O4'" B A  15 ? ? "C1'" B A  15 ? ? N9    B A  15 ? ? 116.72 108.50 8.22   0.70 N 
92  1 "O5'" B DT 16 ? ? P     B DT 16 ? ? OP1   B DT 16 ? ? 95.42  105.70 -10.28 0.90 N 
93  1 C4    B DT 16 ? ? C5    B DT 16 ? ? C7    B DT 16 ? ? 122.84 119.00 3.84   0.60 N 
94  1 C6    B DT 16 ? ? C5    B DT 16 ? ? C7    B DT 16 ? ? 118.06 122.90 -4.84  0.60 N 
95  1 "O5'" B DA 17 ? ? P     B DA 17 ? ? OP2   B DA 17 ? ? 98.39  105.70 -7.31  0.90 N 
96  1 P     B DA 17 ? ? "O5'" B DA 17 ? ? "C5'" B DA 17 ? ? 110.33 120.90 -10.57 1.60 N 
97  1 "O5'" B DC 18 ? ? "C5'" B DC 18 ? ? "C4'" B DC 18 ? ? 101.66 109.40 -7.74  0.80 N 
98  1 "C4'" B DC 18 ? ? "C3'" B DC 18 ? ? "C2'" B DC 18 ? ? 97.49  102.20 -4.71  0.70 N 
99  1 C2    B DC 18 ? ? N3    B DC 18 ? ? C4    B DC 18 ? ? 124.24 119.90 4.34   0.50 N 
100 1 N3    B DC 18 ? ? C4    B DC 18 ? ? C5    B DC 18 ? ? 117.45 121.90 -4.45  0.40 N 
101 1 C5    B DC 18 ? ? C6    B DC 18 ? ? N1    B DC 18 ? ? 124.27 121.00 3.27   0.50 N 
102 1 N1    B DC 18 ? ? C2    B DC 18 ? ? O2    B DC 18 ? ? 124.35 118.90 5.45   0.60 N 
103 1 C5    B DC 18 ? ? C4    B DC 18 ? ? N4    B DC 18 ? ? 125.52 120.20 5.32   0.70 N 
104 1 "O5'" B DG 19 ? ? P     B DG 19 ? ? OP2   B DG 19 ? ? 98.75  105.70 -6.95  0.90 N 
105 1 "O4'" B DG 19 ? ? "C1'" B DG 19 ? ? N9    B DG 19 ? ? 114.44 108.30 6.14   0.30 N 
106 1 C6    B DG 19 ? ? N1    B DG 19 ? ? C2    B DG 19 ? ? 120.41 125.10 -4.69  0.60 N 
107 1 C5    B DG 19 ? ? C6    B DG 19 ? ? N1    B DG 19 ? ? 117.51 111.50 6.01   0.50 N 
108 1 N1    B DG 19 ? ? C2    B DG 19 ? ? N2    B DG 19 ? ? 121.86 116.20 5.66   0.90 N 
109 1 N3    B DG 19 ? ? C2    B DG 19 ? ? N2    B DG 19 ? ? 110.71 119.90 -9.19  0.70 N 
110 1 C5    B DG 19 ? ? C6    B DG 19 ? ? O6    B DG 19 ? ? 123.70 128.60 -4.90  0.60 N 
111 1 "O5'" B DC 20 ? ? P     B DC 20 ? ? OP2   B DC 20 ? ? 98.78  105.70 -6.92  0.90 N 
112 1 "O4'" B DC 20 ? ? "C4'" B DC 20 ? ? "C3'" B DC 20 ? ? 102.02 104.50 -2.48  0.40 N 
113 1 C2    B DC 20 ? ? N3    B DC 20 ? ? C4    B DC 20 ? ? 125.51 119.90 5.61   0.50 N 
114 1 N3    B DC 20 ? ? C4    B DC 20 ? ? C5    B DC 20 ? ? 116.60 121.90 -5.30  0.40 N 
115 1 N1    B DC 20 ? ? C2    B DC 20 ? ? O2    B DC 20 ? ? 122.90 118.90 4.00   0.60 N 
116 1 C5    B DC 20 ? ? C4    B DC 20 ? ? N4    B DC 20 ? ? 124.48 120.20 4.28   0.70 N 
# 
loop_
_refine_B_iso.class 
_refine_B_iso.details 
_refine_B_iso.treatment 
_refine_B_iso.pdbx_refine_id 
'ALL ATOMS'  TR isotropic 'X-RAY DIFFRACTION' 
'ALL WATERS' TR isotropic 'X-RAY DIFFRACTION' 
# 
loop_
_refine_occupancy.class 
_refine_occupancy.treatment 
_refine_occupancy.pdbx_refine_id 
'ALL ATOMS'  fix 'X-RAY DIFFRACTION' 
'ALL WATERS' fix 'X-RAY DIFFRACTION' 
# 
loop_
_chem_comp_atom.comp_id 
_chem_comp_atom.atom_id 
_chem_comp_atom.type_symbol 
_chem_comp_atom.pdbx_aromatic_flag 
_chem_comp_atom.pdbx_stereo_config 
_chem_comp_atom.pdbx_ordinal 
A   OP3    O N N 1   
A   P      P N N 2   
A   OP1    O N N 3   
A   OP2    O N N 4   
A   "O5'"  O N N 5   
A   "C5'"  C N N 6   
A   "C4'"  C N R 7   
A   "O4'"  O N N 8   
A   "C3'"  C N S 9   
A   "O3'"  O N N 10  
A   "C2'"  C N R 11  
A   "O2'"  O N N 12  
A   "C1'"  C N R 13  
A   N9     N Y N 14  
A   C8     C Y N 15  
A   N7     N Y N 16  
A   C5     C Y N 17  
A   C6     C Y N 18  
A   N6     N N N 19  
A   N1     N Y N 20  
A   C2     C Y N 21  
A   N3     N Y N 22  
A   C4     C Y N 23  
A   HOP3   H N N 24  
A   HOP2   H N N 25  
A   "H5'"  H N N 26  
A   "H5''" H N N 27  
A   "H4'"  H N N 28  
A   "H3'"  H N N 29  
A   "HO3'" H N N 30  
A   "H2'"  H N N 31  
A   "HO2'" H N N 32  
A   "H1'"  H N N 33  
A   H8     H N N 34  
A   H61    H N N 35  
A   H62    H N N 36  
A   H2     H N N 37  
DA  OP3    O N N 38  
DA  P      P N N 39  
DA  OP1    O N N 40  
DA  OP2    O N N 41  
DA  "O5'"  O N N 42  
DA  "C5'"  C N N 43  
DA  "C4'"  C N R 44  
DA  "O4'"  O N N 45  
DA  "C3'"  C N S 46  
DA  "O3'"  O N N 47  
DA  "C2'"  C N N 48  
DA  "C1'"  C N R 49  
DA  N9     N Y N 50  
DA  C8     C Y N 51  
DA  N7     N Y N 52  
DA  C5     C Y N 53  
DA  C6     C Y N 54  
DA  N6     N N N 55  
DA  N1     N Y N 56  
DA  C2     C Y N 57  
DA  N3     N Y N 58  
DA  C4     C Y N 59  
DA  HOP3   H N N 60  
DA  HOP2   H N N 61  
DA  "H5'"  H N N 62  
DA  "H5''" H N N 63  
DA  "H4'"  H N N 64  
DA  "H3'"  H N N 65  
DA  "HO3'" H N N 66  
DA  "H2'"  H N N 67  
DA  "H2''" H N N 68  
DA  "H1'"  H N N 69  
DA  H8     H N N 70  
DA  H61    H N N 71  
DA  H62    H N N 72  
DA  H2     H N N 73  
DC  OP3    O N N 74  
DC  P      P N N 75  
DC  OP1    O N N 76  
DC  OP2    O N N 77  
DC  "O5'"  O N N 78  
DC  "C5'"  C N N 79  
DC  "C4'"  C N R 80  
DC  "O4'"  O N N 81  
DC  "C3'"  C N S 82  
DC  "O3'"  O N N 83  
DC  "C2'"  C N N 84  
DC  "C1'"  C N R 85  
DC  N1     N N N 86  
DC  C2     C N N 87  
DC  O2     O N N 88  
DC  N3     N N N 89  
DC  C4     C N N 90  
DC  N4     N N N 91  
DC  C5     C N N 92  
DC  C6     C N N 93  
DC  HOP3   H N N 94  
DC  HOP2   H N N 95  
DC  "H5'"  H N N 96  
DC  "H5''" H N N 97  
DC  "H4'"  H N N 98  
DC  "H3'"  H N N 99  
DC  "HO3'" H N N 100 
DC  "H2'"  H N N 101 
DC  "H2''" H N N 102 
DC  "H1'"  H N N 103 
DC  H41    H N N 104 
DC  H42    H N N 105 
DC  H5     H N N 106 
DC  H6     H N N 107 
DG  OP3    O N N 108 
DG  P      P N N 109 
DG  OP1    O N N 110 
DG  OP2    O N N 111 
DG  "O5'"  O N N 112 
DG  "C5'"  C N N 113 
DG  "C4'"  C N R 114 
DG  "O4'"  O N N 115 
DG  "C3'"  C N S 116 
DG  "O3'"  O N N 117 
DG  "C2'"  C N N 118 
DG  "C1'"  C N R 119 
DG  N9     N Y N 120 
DG  C8     C Y N 121 
DG  N7     N Y N 122 
DG  C5     C Y N 123 
DG  C6     C N N 124 
DG  O6     O N N 125 
DG  N1     N N N 126 
DG  C2     C N N 127 
DG  N2     N N N 128 
DG  N3     N N N 129 
DG  C4     C Y N 130 
DG  HOP3   H N N 131 
DG  HOP2   H N N 132 
DG  "H5'"  H N N 133 
DG  "H5''" H N N 134 
DG  "H4'"  H N N 135 
DG  "H3'"  H N N 136 
DG  "HO3'" H N N 137 
DG  "H2'"  H N N 138 
DG  "H2''" H N N 139 
DG  "H1'"  H N N 140 
DG  H8     H N N 141 
DG  H1     H N N 142 
DG  H21    H N N 143 
DG  H22    H N N 144 
DT  OP3    O N N 145 
DT  P      P N N 146 
DT  OP1    O N N 147 
DT  OP2    O N N 148 
DT  "O5'"  O N N 149 
DT  "C5'"  C N N 150 
DT  "C4'"  C N R 151 
DT  "O4'"  O N N 152 
DT  "C3'"  C N S 153 
DT  "O3'"  O N N 154 
DT  "C2'"  C N N 155 
DT  "C1'"  C N R 156 
DT  N1     N N N 157 
DT  C2     C N N 158 
DT  O2     O N N 159 
DT  N3     N N N 160 
DT  C4     C N N 161 
DT  O4     O N N 162 
DT  C5     C N N 163 
DT  C7     C N N 164 
DT  C6     C N N 165 
DT  HOP3   H N N 166 
DT  HOP2   H N N 167 
DT  "H5'"  H N N 168 
DT  "H5''" H N N 169 
DT  "H4'"  H N N 170 
DT  "H3'"  H N N 171 
DT  "HO3'" H N N 172 
DT  "H2'"  H N N 173 
DT  "H2''" H N N 174 
DT  "H1'"  H N N 175 
DT  H3     H N N 176 
DT  H71    H N N 177 
DT  H72    H N N 178 
DT  H73    H N N 179 
DT  H6     H N N 180 
HOH O      O N N 181 
HOH H1     H N N 182 
HOH H2     H N N 183 
# 
loop_
_chem_comp_bond.comp_id 
_chem_comp_bond.atom_id_1 
_chem_comp_bond.atom_id_2 
_chem_comp_bond.value_order 
_chem_comp_bond.pdbx_aromatic_flag 
_chem_comp_bond.pdbx_stereo_config 
_chem_comp_bond.pdbx_ordinal 
A   OP3   P      sing N N 1   
A   OP3   HOP3   sing N N 2   
A   P     OP1    doub N N 3   
A   P     OP2    sing N N 4   
A   P     "O5'"  sing N N 5   
A   OP2   HOP2   sing N N 6   
A   "O5'" "C5'"  sing N N 7   
A   "C5'" "C4'"  sing N N 8   
A   "C5'" "H5'"  sing N N 9   
A   "C5'" "H5''" sing N N 10  
A   "C4'" "O4'"  sing N N 11  
A   "C4'" "C3'"  sing N N 12  
A   "C4'" "H4'"  sing N N 13  
A   "O4'" "C1'"  sing N N 14  
A   "C3'" "O3'"  sing N N 15  
A   "C3'" "C2'"  sing N N 16  
A   "C3'" "H3'"  sing N N 17  
A   "O3'" "HO3'" sing N N 18  
A   "C2'" "O2'"  sing N N 19  
A   "C2'" "C1'"  sing N N 20  
A   "C2'" "H2'"  sing N N 21  
A   "O2'" "HO2'" sing N N 22  
A   "C1'" N9     sing N N 23  
A   "C1'" "H1'"  sing N N 24  
A   N9    C8     sing Y N 25  
A   N9    C4     sing Y N 26  
A   C8    N7     doub Y N 27  
A   C8    H8     sing N N 28  
A   N7    C5     sing Y N 29  
A   C5    C6     sing Y N 30  
A   C5    C4     doub Y N 31  
A   C6    N6     sing N N 32  
A   C6    N1     doub Y N 33  
A   N6    H61    sing N N 34  
A   N6    H62    sing N N 35  
A   N1    C2     sing Y N 36  
A   C2    N3     doub Y N 37  
A   C2    H2     sing N N 38  
A   N3    C4     sing Y N 39  
DA  OP3   P      sing N N 40  
DA  OP3   HOP3   sing N N 41  
DA  P     OP1    doub N N 42  
DA  P     OP2    sing N N 43  
DA  P     "O5'"  sing N N 44  
DA  OP2   HOP2   sing N N 45  
DA  "O5'" "C5'"  sing N N 46  
DA  "C5'" "C4'"  sing N N 47  
DA  "C5'" "H5'"  sing N N 48  
DA  "C5'" "H5''" sing N N 49  
DA  "C4'" "O4'"  sing N N 50  
DA  "C4'" "C3'"  sing N N 51  
DA  "C4'" "H4'"  sing N N 52  
DA  "O4'" "C1'"  sing N N 53  
DA  "C3'" "O3'"  sing N N 54  
DA  "C3'" "C2'"  sing N N 55  
DA  "C3'" "H3'"  sing N N 56  
DA  "O3'" "HO3'" sing N N 57  
DA  "C2'" "C1'"  sing N N 58  
DA  "C2'" "H2'"  sing N N 59  
DA  "C2'" "H2''" sing N N 60  
DA  "C1'" N9     sing N N 61  
DA  "C1'" "H1'"  sing N N 62  
DA  N9    C8     sing Y N 63  
DA  N9    C4     sing Y N 64  
DA  C8    N7     doub Y N 65  
DA  C8    H8     sing N N 66  
DA  N7    C5     sing Y N 67  
DA  C5    C6     sing Y N 68  
DA  C5    C4     doub Y N 69  
DA  C6    N6     sing N N 70  
DA  C6    N1     doub Y N 71  
DA  N6    H61    sing N N 72  
DA  N6    H62    sing N N 73  
DA  N1    C2     sing Y N 74  
DA  C2    N3     doub Y N 75  
DA  C2    H2     sing N N 76  
DA  N3    C4     sing Y N 77  
DC  OP3   P      sing N N 78  
DC  OP3   HOP3   sing N N 79  
DC  P     OP1    doub N N 80  
DC  P     OP2    sing N N 81  
DC  P     "O5'"  sing N N 82  
DC  OP2   HOP2   sing N N 83  
DC  "O5'" "C5'"  sing N N 84  
DC  "C5'" "C4'"  sing N N 85  
DC  "C5'" "H5'"  sing N N 86  
DC  "C5'" "H5''" sing N N 87  
DC  "C4'" "O4'"  sing N N 88  
DC  "C4'" "C3'"  sing N N 89  
DC  "C4'" "H4'"  sing N N 90  
DC  "O4'" "C1'"  sing N N 91  
DC  "C3'" "O3'"  sing N N 92  
DC  "C3'" "C2'"  sing N N 93  
DC  "C3'" "H3'"  sing N N 94  
DC  "O3'" "HO3'" sing N N 95  
DC  "C2'" "C1'"  sing N N 96  
DC  "C2'" "H2'"  sing N N 97  
DC  "C2'" "H2''" sing N N 98  
DC  "C1'" N1     sing N N 99  
DC  "C1'" "H1'"  sing N N 100 
DC  N1    C2     sing N N 101 
DC  N1    C6     sing N N 102 
DC  C2    O2     doub N N 103 
DC  C2    N3     sing N N 104 
DC  N3    C4     doub N N 105 
DC  C4    N4     sing N N 106 
DC  C4    C5     sing N N 107 
DC  N4    H41    sing N N 108 
DC  N4    H42    sing N N 109 
DC  C5    C6     doub N N 110 
DC  C5    H5     sing N N 111 
DC  C6    H6     sing N N 112 
DG  OP3   P      sing N N 113 
DG  OP3   HOP3   sing N N 114 
DG  P     OP1    doub N N 115 
DG  P     OP2    sing N N 116 
DG  P     "O5'"  sing N N 117 
DG  OP2   HOP2   sing N N 118 
DG  "O5'" "C5'"  sing N N 119 
DG  "C5'" "C4'"  sing N N 120 
DG  "C5'" "H5'"  sing N N 121 
DG  "C5'" "H5''" sing N N 122 
DG  "C4'" "O4'"  sing N N 123 
DG  "C4'" "C3'"  sing N N 124 
DG  "C4'" "H4'"  sing N N 125 
DG  "O4'" "C1'"  sing N N 126 
DG  "C3'" "O3'"  sing N N 127 
DG  "C3'" "C2'"  sing N N 128 
DG  "C3'" "H3'"  sing N N 129 
DG  "O3'" "HO3'" sing N N 130 
DG  "C2'" "C1'"  sing N N 131 
DG  "C2'" "H2'"  sing N N 132 
DG  "C2'" "H2''" sing N N 133 
DG  "C1'" N9     sing N N 134 
DG  "C1'" "H1'"  sing N N 135 
DG  N9    C8     sing Y N 136 
DG  N9    C4     sing Y N 137 
DG  C8    N7     doub Y N 138 
DG  C8    H8     sing N N 139 
DG  N7    C5     sing Y N 140 
DG  C5    C6     sing N N 141 
DG  C5    C4     doub Y N 142 
DG  C6    O6     doub N N 143 
DG  C6    N1     sing N N 144 
DG  N1    C2     sing N N 145 
DG  N1    H1     sing N N 146 
DG  C2    N2     sing N N 147 
DG  C2    N3     doub N N 148 
DG  N2    H21    sing N N 149 
DG  N2    H22    sing N N 150 
DG  N3    C4     sing N N 151 
DT  OP3   P      sing N N 152 
DT  OP3   HOP3   sing N N 153 
DT  P     OP1    doub N N 154 
DT  P     OP2    sing N N 155 
DT  P     "O5'"  sing N N 156 
DT  OP2   HOP2   sing N N 157 
DT  "O5'" "C5'"  sing N N 158 
DT  "C5'" "C4'"  sing N N 159 
DT  "C5'" "H5'"  sing N N 160 
DT  "C5'" "H5''" sing N N 161 
DT  "C4'" "O4'"  sing N N 162 
DT  "C4'" "C3'"  sing N N 163 
DT  "C4'" "H4'"  sing N N 164 
DT  "O4'" "C1'"  sing N N 165 
DT  "C3'" "O3'"  sing N N 166 
DT  "C3'" "C2'"  sing N N 167 
DT  "C3'" "H3'"  sing N N 168 
DT  "O3'" "HO3'" sing N N 169 
DT  "C2'" "C1'"  sing N N 170 
DT  "C2'" "H2'"  sing N N 171 
DT  "C2'" "H2''" sing N N 172 
DT  "C1'" N1     sing N N 173 
DT  "C1'" "H1'"  sing N N 174 
DT  N1    C2     sing N N 175 
DT  N1    C6     sing N N 176 
DT  C2    O2     doub N N 177 
DT  C2    N3     sing N N 178 
DT  N3    C4     sing N N 179 
DT  N3    H3     sing N N 180 
DT  C4    O4     doub N N 181 
DT  C4    C5     sing N N 182 
DT  C5    C7     sing N N 183 
DT  C5    C6     doub N N 184 
DT  C7    H71    sing N N 185 
DT  C7    H72    sing N N 186 
DT  C7    H73    sing N N 187 
DT  C6    H6     sing N N 188 
HOH O     H1     sing N N 189 
HOH O     H2     sing N N 190 
# 
_ndb_struct_conf_na.entry_id   1D88 
_ndb_struct_conf_na.feature    'a-form double helix' 
# 
loop_
_ndb_struct_na_base_pair.model_number 
_ndb_struct_na_base_pair.i_label_asym_id 
_ndb_struct_na_base_pair.i_label_comp_id 
_ndb_struct_na_base_pair.i_label_seq_id 
_ndb_struct_na_base_pair.i_symmetry 
_ndb_struct_na_base_pair.j_label_asym_id 
_ndb_struct_na_base_pair.j_label_comp_id 
_ndb_struct_na_base_pair.j_label_seq_id 
_ndb_struct_na_base_pair.j_symmetry 
_ndb_struct_na_base_pair.shear 
_ndb_struct_na_base_pair.stretch 
_ndb_struct_na_base_pair.stagger 
_ndb_struct_na_base_pair.buckle 
_ndb_struct_na_base_pair.propeller 
_ndb_struct_na_base_pair.opening 
_ndb_struct_na_base_pair.pair_number 
_ndb_struct_na_base_pair.pair_name 
_ndb_struct_na_base_pair.i_auth_asym_id 
_ndb_struct_na_base_pair.i_auth_seq_id 
_ndb_struct_na_base_pair.i_PDB_ins_code 
_ndb_struct_na_base_pair.j_auth_asym_id 
_ndb_struct_na_base_pair.j_auth_seq_id 
_ndb_struct_na_base_pair.j_PDB_ins_code 
_ndb_struct_na_base_pair.hbond_type_28 
_ndb_struct_na_base_pair.hbond_type_12 
1 A DG 1  1_555 B DC 10 1_555 1.062  -0.262 0.522  3.102   -9.175  1.757  1  A_DG1:DC20_B  A 1  ? B 20 ? 19 1 
1 A DC 2  1_555 B DG 9  1_555 0.140  -0.246 0.200  12.606  -27.719 -1.642 2  A_DC2:DG19_B  A 2  ? B 19 ? 19 1 
1 A DG 3  1_555 B DC 8  1_555 0.110  -0.129 0.262  -0.705  -14.053 1.684  3  A_DG3:DC18_B  A 3  ? B 18 ? 19 1 
1 A DT 4  1_555 B DA 7  1_555 -0.079 -0.129 -0.596 3.430   -20.423 -2.949 4  A_DT4:DA17_B  A 4  ? B 17 ? 20 1 
1 A A  5  1_555 B DT 6  1_555 -0.517 -0.176 0.284  -8.314  -22.622 0.894  5  A_A5:DT16_B   A 5  ? B 16 ? 20 1 
1 A DT 6  1_555 B A  5  1_555 -0.866 -0.221 0.041  8.556   -10.917 3.603  6  A_DT6:A15_B   A 6  ? B 15 ? 20 1 
1 A DA 7  1_555 B DT 4  1_555 0.305  -0.095 -0.005 8.861   -14.895 12.357 7  A_DA7:DT14_B  A 7  ? B 14 ? 20 1 
1 A DC 8  1_555 B DG 3  1_555 0.635  -0.346 0.232  11.771  -15.292 2.399  8  A_DC8:DG13_B  A 8  ? B 13 ? 19 1 
1 A DG 9  1_555 B DC 2  1_555 -0.165 -0.045 -0.408 -10.520 -4.067  1.175  9  A_DG9:DC12_B  A 9  ? B 12 ? 19 1 
1 A DC 10 1_555 B DG 1  1_555 0.294  -0.222 -0.660 7.168   -8.158  0.076  10 A_DC10:DG11_B A 10 ? B 11 ? 19 1 
# 
loop_
_ndb_struct_na_base_pair_step.model_number 
_ndb_struct_na_base_pair_step.i_label_asym_id_1 
_ndb_struct_na_base_pair_step.i_label_comp_id_1 
_ndb_struct_na_base_pair_step.i_label_seq_id_1 
_ndb_struct_na_base_pair_step.i_symmetry_1 
_ndb_struct_na_base_pair_step.j_label_asym_id_1 
_ndb_struct_na_base_pair_step.j_label_comp_id_1 
_ndb_struct_na_base_pair_step.j_label_seq_id_1 
_ndb_struct_na_base_pair_step.j_symmetry_1 
_ndb_struct_na_base_pair_step.i_label_asym_id_2 
_ndb_struct_na_base_pair_step.i_label_comp_id_2 
_ndb_struct_na_base_pair_step.i_label_seq_id_2 
_ndb_struct_na_base_pair_step.i_symmetry_2 
_ndb_struct_na_base_pair_step.j_label_asym_id_2 
_ndb_struct_na_base_pair_step.j_label_comp_id_2 
_ndb_struct_na_base_pair_step.j_label_seq_id_2 
_ndb_struct_na_base_pair_step.j_symmetry_2 
_ndb_struct_na_base_pair_step.shift 
_ndb_struct_na_base_pair_step.slide 
_ndb_struct_na_base_pair_step.rise 
_ndb_struct_na_base_pair_step.tilt 
_ndb_struct_na_base_pair_step.roll 
_ndb_struct_na_base_pair_step.twist 
_ndb_struct_na_base_pair_step.x_displacement 
_ndb_struct_na_base_pair_step.y_displacement 
_ndb_struct_na_base_pair_step.helical_rise 
_ndb_struct_na_base_pair_step.inclination 
_ndb_struct_na_base_pair_step.tip 
_ndb_struct_na_base_pair_step.helical_twist 
_ndb_struct_na_base_pair_step.step_number 
_ndb_struct_na_base_pair_step.step_name 
_ndb_struct_na_base_pair_step.i_auth_asym_id_1 
_ndb_struct_na_base_pair_step.i_auth_seq_id_1 
_ndb_struct_na_base_pair_step.i_PDB_ins_code_1 
_ndb_struct_na_base_pair_step.j_auth_asym_id_1 
_ndb_struct_na_base_pair_step.j_auth_seq_id_1 
_ndb_struct_na_base_pair_step.j_PDB_ins_code_1 
_ndb_struct_na_base_pair_step.i_auth_asym_id_2 
_ndb_struct_na_base_pair_step.i_auth_seq_id_2 
_ndb_struct_na_base_pair_step.i_PDB_ins_code_2 
_ndb_struct_na_base_pair_step.j_auth_asym_id_2 
_ndb_struct_na_base_pair_step.j_auth_seq_id_2 
_ndb_struct_na_base_pair_step.j_PDB_ins_code_2 
1 A DG 1 1_555 B DC 10 1_555 A DC 2  1_555 B DG 9 1_555 -0.203 -1.837 3.318 5.182  -1.510 30.608 -3.134 1.395  3.324 -2.833 -9.721 
31.069 1 AA_DG1DC2:DG19DC20_BB  A 1 ? B 20 ? A 2  ? B 19 ? 
1 A DC 2 1_555 B DG 9  1_555 A DG 3  1_555 B DC 8 1_555 0.256  -2.404 3.586 -2.130 9.050  29.679 -6.203 -0.882 2.728 17.147 4.036  
31.070 2 AA_DC2DG3:DC18DG19_BB  A 2 ? B 19 ? A 3  ? B 18 ? 
1 A DG 3 1_555 B DC 8  1_555 A DT 4  1_555 B DA 7 1_555 -1.528 -1.053 3.270 4.064  10.050 33.193 -3.173 3.122  2.650 17.035 -6.889 
34.871 3 AA_DG3DT4:DA17DC18_BB  A 3 ? B 18 ? A 4  ? B 17 ? 
1 A DT 4 1_555 B DA 7  1_555 A A  5  1_555 B DT 6 1_555 1.441  -1.649 3.730 -0.688 15.621 22.993 -7.158 -3.170 2.149 34.529 1.522  
27.747 4 AA_DT4A5:DT16DA17_BB   A 4 ? B 17 ? A 5  ? B 16 ? 
1 A A  5 1_555 B DT 6  1_555 A DT 6  1_555 B A  5 1_555 0.682  -1.211 2.866 0.564  5.989  29.233 -3.402 -1.227 2.585 11.711 -1.102 
29.832 5 AA_A5DT6:A15DT16_BB    A 5 ? B 16 ? A 6  ? B 15 ? 
1 A DT 6 1_555 B A  5  1_555 A DA 7  1_555 B DT 4 1_555 0.397  -1.319 3.184 2.751  16.658 36.154 -3.674 -0.296 2.397 25.219 -4.165 
39.782 6 AA_DT6DA7:DT14A15_BB   A 6 ? B 15 ? A 7  ? B 14 ? 
1 A DA 7 1_555 B DT 4  1_555 A DC 8  1_555 B DG 3 1_555 0.209  -1.109 3.258 1.356  2.535  31.224 -2.522 -0.136 3.166 4.696  -2.513 
31.353 7 AA_DA7DC8:DG13DT14_BB  A 7 ? B 14 ? A 8  ? B 13 ? 
1 A DC 8 1_555 B DG 3  1_555 A DG 9  1_555 B DC 2 1_555 -0.425 -1.495 3.694 3.369  17.617 30.472 -5.113 1.208  2.437 30.434 -5.821 
35.251 8 AA_DC8DG9:DC12DG13_BB  A 8 ? B 13 ? A 9  ? B 12 ? 
1 A DG 9 1_555 B DC 2  1_555 A DC 10 1_555 B DG 1 1_555 -0.111 -1.918 3.225 2.983  6.496  31.200 -4.568 0.700  2.757 11.884 -5.457 
31.989 9 AA_DG9DC10:DG11DC12_BB A 9 ? B 12 ? A 10 ? B 11 ? 
# 
_atom_sites.entry_id                    1D88 
_atom_sites.fract_transf_matrix[1][1]   -0.01623958 
_atom_sites.fract_transf_matrix[1][2]   0.03603339 
_atom_sites.fract_transf_matrix[1][3]   -0.00251937 
_atom_sites.fract_transf_matrix[2][1]   -0.01624740 
_atom_sites.fract_transf_matrix[2][2]   -0.00640213 
_atom_sites.fract_transf_matrix[2][3]   0.01316223 
_atom_sites.fract_transf_matrix[3][1]   0.01154289 
_atom_sites.fract_transf_matrix[3][2]   0.00641661 
_atom_sites.fract_transf_matrix[3][3]   0.01736955 
_atom_sites.fract_transf_vector[1]      0.118553 
_atom_sites.fract_transf_vector[2]      0.005400 
_atom_sites.fract_transf_vector[3]      0.274346 
# 
loop_
_atom_type.symbol 
C 
N 
O 
P 
# 
loop_
_atom_site.group_PDB 
_atom_site.id 
_atom_site.type_symbol 
_atom_site.label_atom_id 
_atom_site.label_alt_id 
_atom_site.label_comp_id 
_atom_site.label_asym_id 
_atom_site.label_entity_id 
_atom_site.label_seq_id 
_atom_site.pdbx_PDB_ins_code 
_atom_site.Cartn_x 
_atom_site.Cartn_y 
_atom_site.Cartn_z 
_atom_site.occupancy 
_atom_site.B_iso_or_equiv 
_atom_site.pdbx_formal_charge 
_atom_site.auth_seq_id 
_atom_site.auth_comp_id 
_atom_site.auth_asym_id 
_atom_site.auth_atom_id 
_atom_site.pdbx_PDB_model_num 
ATOM   1   O "O5'" . DG  A 1 1  ? -11.935 4.931   -4.462  1.00 29.35 ? 1   DG  A "O5'" 1 
ATOM   2   C "C5'" . DG  A 1 1  ? -11.773 3.528   -4.268  1.00 28.93 ? 1   DG  A "C5'" 1 
ATOM   3   C "C4'" . DG  A 1 1  ? -11.921 2.749   -5.571  1.00 28.37 ? 1   DG  A "C4'" 1 
ATOM   4   O "O4'" . DG  A 1 1  ? -11.985 3.686   -6.636  1.00 28.17 ? 1   DG  A "O4'" 1 
ATOM   5   C "C3'" . DG  A 1 1  ? -10.744 1.791   -5.925  1.00 28.27 ? 1   DG  A "C3'" 1 
ATOM   6   O "O3'" . DG  A 1 1  ? -11.081 0.478   -5.567  1.00 28.38 ? 1   DG  A "O3'" 1 
ATOM   7   C "C2'" . DG  A 1 1  ? -10.496 1.997   -7.385  1.00 27.85 ? 1   DG  A "C2'" 1 
ATOM   8   C "C1'" . DG  A 1 1  ? -10.786 3.518   -7.467  1.00 27.68 ? 1   DG  A "C1'" 1 
ATOM   9   N N9    . DG  A 1 1  ? -9.768  4.456   -7.156  1.00 27.28 ? 1   DG  A N9    1 
ATOM   10  C C8    . DG  A 1 1  ? -9.694  5.373   -6.169  1.00 27.33 ? 1   DG  A C8    1 
ATOM   11  N N7    . DG  A 1 1  ? -8.631  6.169   -6.234  1.00 27.20 ? 1   DG  A N7    1 
ATOM   12  C C5    . DG  A 1 1  ? -8.006  5.746   -7.369  1.00 27.15 ? 1   DG  A C5    1 
ATOM   13  C C6    . DG  A 1 1  ? -6.810  6.179   -8.018  1.00 27.30 ? 1   DG  A C6    1 
ATOM   14  O O6    . DG  A 1 1  ? -6.067  7.112   -7.588  1.00 27.28 ? 1   DG  A O6    1 
ATOM   15  N N1    . DG  A 1 1  ? -6.454  5.548   -9.149  1.00 27.21 ? 1   DG  A N1    1 
ATOM   16  C C2    . DG  A 1 1  ? -7.233  4.558   -9.609  1.00 27.11 ? 1   DG  A C2    1 
ATOM   17  N N2    . DG  A 1 1  ? -7.012  3.905   -10.628 1.00 27.09 ? 1   DG  A N2    1 
ATOM   18  N N3    . DG  A 1 1  ? -8.349  4.067   -9.091  1.00 27.24 ? 1   DG  A N3    1 
ATOM   19  C C4    . DG  A 1 1  ? -8.673  4.727   -7.963  1.00 27.06 ? 1   DG  A C4    1 
ATOM   20  P P     . DC  A 1 2  ? -9.902  -0.307  -4.830  1.00 28.41 ? 2   DC  A P     1 
ATOM   21  O OP1   . DC  A 1 2  ? -10.455 -1.593  -4.659  1.00 28.46 ? 2   DC  A OP1   1 
ATOM   22  O OP2   . DC  A 1 2  ? -9.510  0.516   -3.661  1.00 28.00 ? 2   DC  A OP2   1 
ATOM   23  O "O5'" . DC  A 1 2  ? -8.706  -0.588  -5.877  1.00 27.93 ? 2   DC  A "O5'" 1 
ATOM   24  C "C5'" . DC  A 1 2  ? -8.965  -1.641  -6.790  1.00 27.53 ? 2   DC  A "C5'" 1 
ATOM   25  C "C4'" . DC  A 1 2  ? -7.874  -1.609  -7.839  1.00 27.36 ? 2   DC  A "C4'" 1 
ATOM   26  O "O4'" . DC  A 1 2  ? -7.756  -0.254  -8.320  1.00 27.32 ? 2   DC  A "O4'" 1 
ATOM   27  C "C3'" . DC  A 1 2  ? -6.371  -1.842  -7.423  1.00 27.47 ? 2   DC  A "C3'" 1 
ATOM   28  O "O3'" . DC  A 1 2  ? -6.167  -3.141  -7.022  1.00 27.42 ? 2   DC  A "O3'" 1 
ATOM   29  C "C2'" . DC  A 1 2  ? -5.729  -1.397  -8.761  1.00 27.08 ? 2   DC  A "C2'" 1 
ATOM   30  C "C1'" . DC  A 1 2  ? -6.476  -0.032  -8.929  1.00 26.70 ? 2   DC  A "C1'" 1 
ATOM   31  N N1    . DC  A 1 2  ? -5.865  1.078   -8.146  1.00 26.34 ? 2   DC  A N1    1 
ATOM   32  C C2    . DC  A 1 2  ? -4.913  1.821   -8.773  1.00 26.40 ? 2   DC  A C2    1 
ATOM   33  O O2    . DC  A 1 2  ? -4.539  1.670   -9.933  1.00 26.28 ? 2   DC  A O2    1 
ATOM   34  N N3    . DC  A 1 2  ? -4.324  2.818   -8.023  1.00 26.32 ? 2   DC  A N3    1 
ATOM   35  C C4    . DC  A 1 2  ? -4.627  3.105   -6.711  1.00 26.17 ? 2   DC  A C4    1 
ATOM   36  N N4    . DC  A 1 2  ? -3.985  4.134   -6.095  1.00 25.89 ? 2   DC  A N4    1 
ATOM   37  C C5    . DC  A 1 2  ? -5.617  2.292   -6.105  1.00 26.47 ? 2   DC  A C5    1 
ATOM   38  C C6    . DC  A 1 2  ? -6.194  1.319   -6.824  1.00 26.27 ? 2   DC  A C6    1 
ATOM   39  P P     . DG  A 1 3  ? -4.769  -3.804  -6.722  1.00 27.32 ? 3   DG  A P     1 
ATOM   40  O OP1   . DG  A 1 3  ? -4.862  -5.032  -7.446  1.00 27.66 ? 3   DG  A OP1   1 
ATOM   41  O OP2   . DG  A 1 3  ? -4.556  -3.729  -5.266  1.00 27.12 ? 3   DG  A OP2   1 
ATOM   42  O "O5'" . DG  A 1 3  ? -3.584  -3.097  -7.587  1.00 26.76 ? 3   DG  A "O5'" 1 
ATOM   43  C "C5'" . DG  A 1 3  ? -2.834  -3.742  -8.548  1.00 25.68 ? 3   DG  A "C5'" 1 
ATOM   44  C "C4'" . DG  A 1 3  ? -1.752  -2.845  -9.176  1.00 24.82 ? 3   DG  A "C4'" 1 
ATOM   45  O "O4'" . DG  A 1 3  ? -1.991  -1.483  -9.320  1.00 24.46 ? 3   DG  A "O4'" 1 
ATOM   46  C "C3'" . DG  A 1 3  ? -0.454  -2.844  -8.237  1.00 24.67 ? 3   DG  A "C3'" 1 
ATOM   47  O "O3'" . DG  A 1 3  ? 0.053   -4.063  -8.634  1.00 24.76 ? 3   DG  A "O3'" 1 
ATOM   48  C "C2'" . DG  A 1 3  ? 0.277   -1.594  -8.562  1.00 23.98 ? 3   DG  A "C2'" 1 
ATOM   49  C "C1'" . DG  A 1 3  ? -0.892  -0.627  -9.010  1.00 23.32 ? 3   DG  A "C1'" 1 
ATOM   50  N N9    . DG  A 1 3  ? -1.079  0.281   -7.949  1.00 22.49 ? 3   DG  A N9    1 
ATOM   51  C C8    . DG  A 1 3  ? -1.988  0.312   -6.992  1.00 22.28 ? 3   DG  A C8    1 
ATOM   52  N N7    . DG  A 1 3  ? -1.863  1.308   -6.127  1.00 22.24 ? 3   DG  A N7    1 
ATOM   53  C C5    . DG  A 1 3  ? -0.765  1.959   -6.587  1.00 22.22 ? 3   DG  A C5    1 
ATOM   54  C C6    . DG  A 1 3  ? -0.091  3.119   -6.110  1.00 22.27 ? 3   DG  A C6    1 
ATOM   55  O O6    . DG  A 1 3  ? -0.476  3.739   -5.082  1.00 22.42 ? 3   DG  A O6    1 
ATOM   56  N N1    . DG  A 1 3  ? 0.993   3.539   -6.786  1.00 22.28 ? 3   DG  A N1    1 
ATOM   57  C C2    . DG  A 1 3  ? 1.395   2.871   -7.883  1.00 22.02 ? 3   DG  A C2    1 
ATOM   58  N N2    . DG  A 1 3  ? 2.365   3.220   -8.546  1.00 21.46 ? 3   DG  A N2    1 
ATOM   59  N N3    . DG  A 1 3  ? 0.845   1.777   -8.436  1.00 22.27 ? 3   DG  A N3    1 
ATOM   60  C C4    . DG  A 1 3  ? -0.240  1.379   -7.712  1.00 22.38 ? 3   DG  A C4    1 
ATOM   61  P P     . DT  A 1 4  ? 1.289   -4.707  -7.920  1.00 24.84 ? 4   DT  A P     1 
ATOM   62  O OP1   . DT  A 1 4  ? 1.636   -5.814  -8.828  1.00 24.83 ? 4   DT  A OP1   1 
ATOM   63  O OP2   . DT  A 1 4  ? 0.938   -4.804  -6.568  1.00 24.83 ? 4   DT  A OP2   1 
ATOM   64  O "O5'" . DT  A 1 4  ? 2.497   -3.572  -7.806  1.00 25.00 ? 4   DT  A "O5'" 1 
ATOM   65  C "C5'" . DT  A 1 4  ? 3.281   -3.796  -9.014  1.00 24.50 ? 4   DT  A "C5'" 1 
ATOM   66  C "C4'" . DT  A 1 4  ? 4.609   -3.138  -8.967  1.00 24.05 ? 4   DT  A "C4'" 1 
ATOM   67  O "O4'" . DT  A 1 4  ? 4.360   -1.717  -9.065  1.00 23.39 ? 4   DT  A "O4'" 1 
ATOM   68  C "C3'" . DT  A 1 4  ? 5.521   -3.278  -7.745  1.00 24.39 ? 4   DT  A "C3'" 1 
ATOM   69  O "O3'" . DT  A 1 4  ? 6.196   -4.496  -7.760  1.00 25.92 ? 4   DT  A "O3'" 1 
ATOM   70  C "C2'" . DT  A 1 4  ? 6.395   -2.053  -7.872  1.00 23.84 ? 4   DT  A "C2'" 1 
ATOM   71  C "C1'" . DT  A 1 4  ? 5.337   -1.008  -8.281  1.00 22.83 ? 4   DT  A "C1'" 1 
ATOM   72  N N1    . DT  A 1 4  ? 4.461   -0.433  -7.216  1.00 22.35 ? 4   DT  A N1    1 
ATOM   73  C C2    . DT  A 1 4  ? 4.755   0.815   -6.754  1.00 22.05 ? 4   DT  A C2    1 
ATOM   74  O O2    . DT  A 1 4  ? 5.727   1.441   -7.154  1.00 22.01 ? 4   DT  A O2    1 
ATOM   75  N N3    . DT  A 1 4  ? 3.915   1.339   -5.797  1.00 21.86 ? 4   DT  A N3    1 
ATOM   76  C C4    . DT  A 1 4  ? 2.806   0.686   -5.293  1.00 21.89 ? 4   DT  A C4    1 
ATOM   77  O O4    . DT  A 1 4  ? 2.105   1.261   -4.422  1.00 21.69 ? 4   DT  A O4    1 
ATOM   78  C C5    . DT  A 1 4  ? 2.537   -0.604  -5.805  1.00 22.19 ? 4   DT  A C5    1 
ATOM   79  C C7    . DT  A 1 4  ? 1.370   -1.458  -5.377  1.00 22.39 ? 4   DT  A C7    1 
ATOM   80  C C6    . DT  A 1 4  ? 3.360   -1.108  -6.739  1.00 22.23 ? 4   DT  A C6    1 
ATOM   81  P P     . A   A 1 5  ? 6.324   -5.306  -6.389  1.00 27.76 ? 5   A   A P     1 
ATOM   82  O OP1   . A   A 1 5  ? 7.643   -5.855  -6.488  1.00 28.57 ? 5   A   A OP1   1 
ATOM   83  O OP2   . A   A 1 5  ? 5.224   -6.284  -6.284  1.00 27.53 ? 5   A   A OP2   1 
ATOM   84  O "O5'" . A   A 1 5  ? 6.546   -4.324  -5.092  1.00 27.20 ? 5   A   A "O5'" 1 
ATOM   85  C "C5'" . A   A 1 5  ? 7.660   -3.529  -5.283  1.00 27.05 ? 5   A   A "C5'" 1 
ATOM   86  C "C4'" . A   A 1 5  ? 8.142   -2.482  -4.390  1.00 26.67 ? 5   A   A "C4'" 1 
ATOM   87  O "O4'" . A   A 1 5  ? 7.298   -1.328  -4.580  1.00 26.58 ? 5   A   A "O4'" 1 
ATOM   88  C "C3'" . A   A 1 5  ? 8.102   -2.657  -2.843  1.00 26.75 ? 5   A   A "C3'" 1 
ATOM   89  O "O3'" . A   A 1 5  ? 9.082   -3.585  -2.445  1.00 26.99 ? 5   A   A "O3'" 1 
ATOM   90  C "C2'" . A   A 1 5  ? 8.245   -1.222  -2.405  1.00 26.53 ? 5   A   A "C2'" 1 
ATOM   91  O "O2'" . A   A 1 5  ? 9.530   -0.767  -2.587  1.00 26.86 ? 5   A   A "O2'" 1 
ATOM   92  C "C1'" . A   A 1 5  ? 7.380   -0.455  -3.503  1.00 26.37 ? 5   A   A "C1'" 1 
ATOM   93  N N9    . A   A 1 5  ? 6.114   -0.310  -2.904  1.00 26.42 ? 5   A   A N9    1 
ATOM   94  C C8    . A   A 1 5  ? 5.055   -1.125  -2.943  1.00 26.24 ? 5   A   A C8    1 
ATOM   95  N N7    . A   A 1 5  ? 4.021   -0.702  -2.220  1.00 26.27 ? 5   A   A N7    1 
ATOM   96  C C5    . A   A 1 5  ? 4.474   0.470   -1.673  1.00 26.34 ? 5   A   A C5    1 
ATOM   97  C C6    . A   A 1 5  ? 3.859   1.428   -0.810  1.00 26.26 ? 5   A   A C6    1 
ATOM   98  N N6    . A   A 1 5  ? 2.589   1.318   -0.328  1.00 26.30 ? 5   A   A N6    1 
ATOM   99  N N1    . A   A 1 5  ? 4.597   2.478   -0.414  1.00 26.09 ? 5   A   A N1    1 
ATOM   100 C C2    . A   A 1 5  ? 5.845   2.628   -0.892  1.00 26.00 ? 5   A   A C2    1 
ATOM   101 N N3    . A   A 1 5  ? 6.530   1.831   -1.728  1.00 26.28 ? 5   A   A N3    1 
ATOM   102 C C4    . A   A 1 5  ? 5.768   0.749   -2.057  1.00 26.46 ? 5   A   A C4    1 
ATOM   103 P P     . DT  A 1 6  ? 9.208   -4.115  -0.937  1.00 26.91 ? 6   DT  A P     1 
ATOM   104 O OP1   . DT  A 1 6  ? 10.527  -4.541  -0.781  1.00 26.93 ? 6   DT  A OP1   1 
ATOM   105 O OP2   . DT  A 1 6  ? 8.081   -5.039  -0.724  1.00 27.04 ? 6   DT  A OP2   1 
ATOM   106 O "O5'" . DT  A 1 6  ? 9.184   -2.759  -0.015  1.00 26.42 ? 6   DT  A "O5'" 1 
ATOM   107 C "C5'" . DT  A 1 6  ? 9.615   -2.834  1.286   1.00 25.54 ? 6   DT  A "C5'" 1 
ATOM   108 C "C4'" . DT  A 1 6  ? 9.891   -1.419  1.835   1.00 24.71 ? 6   DT  A "C4'" 1 
ATOM   109 O "O4'" . DT  A 1 6  ? 9.322   -0.421  1.004   1.00 24.03 ? 6   DT  A "O4'" 1 
ATOM   110 C "C3'" . DT  A 1 6  ? 9.278   -1.168  3.279   1.00 24.26 ? 6   DT  A "C3'" 1 
ATOM   111 O "O3'" . DT  A 1 6  ? 10.268  -1.512  4.140   1.00 24.43 ? 6   DT  A "O3'" 1 
ATOM   112 C "C2'" . DT  A 1 6  ? 8.932   0.284   3.290   1.00 23.47 ? 6   DT  A "C2'" 1 
ATOM   113 C "C1'" . DT  A 1 6  ? 8.523   0.443   1.785   1.00 23.13 ? 6   DT  A "C1'" 1 
ATOM   114 N N1    . DT  A 1 6  ? 7.074   0.039   1.676   1.00 22.55 ? 6   DT  A N1    1 
ATOM   115 C C2    . DT  A 1 6  ? 6.221   0.961   2.212   1.00 22.18 ? 6   DT  A C2    1 
ATOM   116 O O2    . DT  A 1 6  ? 6.539   2.008   2.750   1.00 22.25 ? 6   DT  A O2    1 
ATOM   117 N N3    . DT  A 1 6  ? 4.891   0.640   2.130   1.00 22.19 ? 6   DT  A N3    1 
ATOM   118 C C4    . DT  A 1 6  ? 4.379   -0.531  1.598   1.00 22.02 ? 6   DT  A C4    1 
ATOM   119 O O4    . DT  A 1 6  ? 3.125   -0.654  1.618   1.00 22.18 ? 6   DT  A O4    1 
ATOM   120 C C5    . DT  A 1 6  ? 5.308   -1.437  1.051   1.00 22.03 ? 6   DT  A C5    1 
ATOM   121 C C7    . DT  A 1 6  ? 4.853   -2.713  0.391   1.00 22.00 ? 6   DT  A C7    1 
ATOM   122 C C6    . DT  A 1 6  ? 6.609   -1.121  1.102   1.00 22.20 ? 6   DT  A C6    1 
ATOM   123 P P     . DA  A 1 7  ? 10.303  -2.608  5.252   1.00 24.68 ? 7   DA  A P     1 
ATOM   124 O OP1   . DA  A 1 7  ? 11.687  -2.635  5.618   1.00 24.47 ? 7   DA  A OP1   1 
ATOM   125 O OP2   . DA  A 1 7  ? 9.546   -3.755  4.775   1.00 24.38 ? 7   DA  A OP2   1 
ATOM   126 O "O5'" . DA  A 1 7  ? 9.711   -2.024  6.662   1.00 24.84 ? 7   DA  A "O5'" 1 
ATOM   127 C "C5'" . DA  A 1 7  ? 9.989   -0.607  6.796   1.00 25.12 ? 7   DA  A "C5'" 1 
ATOM   128 C "C4'" . DA  A 1 7  ? 8.786   -0.006  7.501   1.00 24.96 ? 7   DA  A "C4'" 1 
ATOM   129 O "O4'" . DA  A 1 7  ? 7.876   0.627   6.574   1.00 24.71 ? 7   DA  A "O4'" 1 
ATOM   130 C "C3'" . DA  A 1 7  ? 7.809   -1.031  8.240   1.00 25.35 ? 7   DA  A "C3'" 1 
ATOM   131 O "O3'" . DA  A 1 7  ? 8.416   -1.636  9.271   1.00 26.02 ? 7   DA  A "O3'" 1 
ATOM   132 C "C2'" . DA  A 1 7  ? 6.688   -0.033  8.568   1.00 24.72 ? 7   DA  A "C2'" 1 
ATOM   133 C "C1'" . DA  A 1 7  ? 6.554   0.599   7.152   1.00 24.23 ? 7   DA  A "C1'" 1 
ATOM   134 N N9    . DA  A 1 7  ? 5.692   -0.168  6.353   1.00 23.82 ? 7   DA  A N9    1 
ATOM   135 C C8    . DA  A 1 7  ? 5.976   -1.220  5.568   1.00 23.89 ? 7   DA  A C8    1 
ATOM   136 N N7    . DA  A 1 7  ? 4.919   -1.728  4.942   1.00 23.69 ? 7   DA  A N7    1 
ATOM   137 C C5    . DA  A 1 7  ? 3.903   -0.907  5.334   1.00 23.80 ? 7   DA  A C5    1 
ATOM   138 C C6    . DA  A 1 7  ? 2.518   -0.894  5.002   1.00 23.66 ? 7   DA  A C6    1 
ATOM   139 N N6    . DA  A 1 7  ? 1.898   -1.755  4.152   1.00 23.59 ? 7   DA  A N6    1 
ATOM   140 N N1    . DA  A 1 7  ? 1.777   0.029   5.611   1.00 23.62 ? 7   DA  A N1    1 
ATOM   141 C C2    . DA  A 1 7  ? 2.336   0.897   6.469   1.00 23.74 ? 7   DA  A C2    1 
ATOM   142 N N3    . DA  A 1 7  ? 3.614   1.014   6.841   1.00 23.79 ? 7   DA  A N3    1 
ATOM   143 C C4    . DA  A 1 7  ? 4.332   0.048   6.223   1.00 23.72 ? 7   DA  A C4    1 
ATOM   144 P P     . DC  A 1 8  ? 8.123   -2.834  10.235  1.00 26.39 ? 8   DC  A P     1 
ATOM   145 O OP1   . DC  A 1 8  ? 9.414   -3.265  10.683  1.00 26.04 ? 8   DC  A OP1   1 
ATOM   146 O OP2   . DC  A 1 8  ? 7.191   -3.732  9.544   1.00 26.05 ? 8   DC  A OP2   1 
ATOM   147 O "O5'" . DC  A 1 8  ? 7.535   -2.274  11.666  1.00 25.83 ? 8   DC  A "O5'" 1 
ATOM   148 C "C5'" . DC  A 1 8  ? 6.985   -1.007  11.598  1.00 25.09 ? 8   DC  A "C5'" 1 
ATOM   149 C "C4'" . DC  A 1 8  ? 5.532   -0.890  11.975  1.00 24.22 ? 8   DC  A "C4'" 1 
ATOM   150 O "O4'" . DC  A 1 8  ? 4.813   -0.420  10.800  1.00 24.05 ? 8   DC  A "O4'" 1 
ATOM   151 C "C3'" . DC  A 1 8  ? 4.699   -2.149  12.285  1.00 23.88 ? 8   DC  A "C3'" 1 
ATOM   152 O "O3'" . DC  A 1 8  ? 5.076   -2.649  13.510  1.00 24.24 ? 8   DC  A "O3'" 1 
ATOM   153 C "C2'" . DC  A 1 8  ? 3.295   -1.572  12.168  1.00 23.57 ? 8   DC  A "C2'" 1 
ATOM   154 C "C1'" . DC  A 1 8  ? 3.481   -0.847  10.764  1.00 23.53 ? 8   DC  A "C1'" 1 
ATOM   155 N N1    . DC  A 1 8  ? 3.226   -1.810  9.641   1.00 23.39 ? 8   DC  A N1    1 
ATOM   156 C C2    . DC  A 1 8  ? 1.952   -1.776  9.150   1.00 23.49 ? 8   DC  A C2    1 
ATOM   157 O O2    . DC  A 1 8  ? 1.083   -1.018  9.534   1.00 23.70 ? 8   DC  A O2    1 
ATOM   158 N N3    . DC  A 1 8  ? 1.666   -2.662  8.143   1.00 23.14 ? 8   DC  A N3    1 
ATOM   159 C C4    . DC  A 1 8  ? 2.550   -3.559  7.612   1.00 23.05 ? 8   DC  A C4    1 
ATOM   160 N N4    . DC  A 1 8  ? 2.083   -4.362  6.620   1.00 23.32 ? 8   DC  A N4    1 
ATOM   161 C C5    . DC  A 1 8  ? 3.859   -3.564  8.151   1.00 23.12 ? 8   DC  A C5    1 
ATOM   162 C C6    . DC  A 1 8  ? 4.137   -2.723  9.135   1.00 23.17 ? 8   DC  A C6    1 
ATOM   163 P P     . DG  A 1 9  ? 4.120   -3.658  14.290  1.00 24.26 ? 9   DG  A P     1 
ATOM   164 O OP1   . DG  A 1 9  ? 4.679   -3.737  15.563  1.00 24.59 ? 9   DG  A OP1   1 
ATOM   165 O OP2   . DG  A 1 9  ? 3.930   -4.808  13.386  1.00 24.19 ? 9   DG  A OP2   1 
ATOM   166 O "O5'" . DG  A 1 9  ? 2.719   -2.890  14.667  1.00 23.86 ? 9   DG  A "O5'" 1 
ATOM   167 C "C5'" . DG  A 1 9  ? 1.959   -3.339  15.712  1.00 22.73 ? 9   DG  A "C5'" 1 
ATOM   168 C "C4'" . DG  A 1 9  ? 0.477   -3.166  15.373  1.00 21.74 ? 9   DG  A "C4'" 1 
ATOM   169 O "O4'" . DG  A 1 9  ? 0.345   -2.567  14.102  1.00 21.42 ? 9   DG  A "O4'" 1 
ATOM   170 C "C3'" . DG  A 1 9  ? -0.300  -4.482  15.235  1.00 21.94 ? 9   DG  A "C3'" 1 
ATOM   171 O "O3'" . DG  A 1 9  ? -0.483  -5.109  16.491  1.00 22.10 ? 9   DG  A "O3'" 1 
ATOM   172 C "C2'" . DG  A 1 9  ? -1.523  -4.071  14.422  1.00 21.71 ? 9   DG  A "C2'" 1 
ATOM   173 C "C1'" . DG  A 1 9  ? -0.829  -3.086  13.409  1.00 21.47 ? 9   DG  A "C1'" 1 
ATOM   174 N N9    . DG  A 1 9  ? -0.421  -3.755  12.234  1.00 21.10 ? 9   DG  A N9    1 
ATOM   175 C C8    . DG  A 1 9  ? 0.834   -3.949  11.830  1.00 21.21 ? 9   DG  A C8    1 
ATOM   176 N N7    . DG  A 1 9  ? 0.950   -4.589  10.679  1.00 21.17 ? 9   DG  A N7    1 
ATOM   177 C C5    . DG  A 1 9  ? -0.343  -4.822  10.342  1.00 21.05 ? 9   DG  A C5    1 
ATOM   178 C C6    . DG  A 1 9  ? -0.900  -5.475  9.205   1.00 21.24 ? 9   DG  A C6    1 
ATOM   179 O O6    . DG  A 1 9  ? -0.189  -5.969  8.284   1.00 21.53 ? 9   DG  A O6    1 
ATOM   180 N N1    . DG  A 1 9  ? -2.237  -5.552  9.126   1.00 21.30 ? 9   DG  A N1    1 
ATOM   181 C C2    . DG  A 1 9  ? -2.964  -5.012  10.129  1.00 21.30 ? 9   DG  A C2    1 
ATOM   182 N N2    . DG  A 1 9  ? -4.191  -5.082  10.102  1.00 21.40 ? 9   DG  A N2    1 
ATOM   183 N N3    . DG  A 1 9  ? -2.568  -4.377  11.247  1.00 21.14 ? 9   DG  A N3    1 
ATOM   184 C C4    . DG  A 1 9  ? -1.220  -4.327  11.259  1.00 21.12 ? 9   DG  A C4    1 
ATOM   185 P P     . DC  A 1 10 ? -0.430  -6.709  16.418  1.00 22.57 ? 10  DC  A P     1 
ATOM   186 O OP1   . DC  A 1 10 ? -0.754  -7.214  17.684  1.00 22.16 ? 10  DC  A OP1   1 
ATOM   187 O OP2   . DC  A 1 10 ? 0.861   -6.997  15.764  1.00 22.68 ? 10  DC  A OP2   1 
ATOM   188 O "O5'" . DC  A 1 10 ? -1.722  -7.258  15.589  1.00 22.86 ? 10  DC  A "O5'" 1 
ATOM   189 C "C5'" . DC  A 1 10 ? -2.968  -6.984  16.212  1.00 23.41 ? 10  DC  A "C5'" 1 
ATOM   190 C "C4'" . DC  A 1 10 ? -4.094  -7.718  15.471  1.00 23.65 ? 10  DC  A "C4'" 1 
ATOM   191 O "O4'" . DC  A 1 10 ? -4.009  -7.150  14.114  1.00 24.09 ? 10  DC  A "O4'" 1 
ATOM   192 C "C3'" . DC  A 1 10 ? -4.032  -9.255  15.281  1.00 23.53 ? 10  DC  A "C3'" 1 
ATOM   193 O "O3'" . DC  A 1 10 ? -4.521  -10.003 16.374  1.00 22.78 ? 10  DC  A "O3'" 1 
ATOM   194 C "C2'" . DC  A 1 10 ? -4.794  -9.427  13.976  1.00 23.89 ? 10  DC  A "C2'" 1 
ATOM   195 C "C1'" . DC  A 1 10 ? -4.485  -8.119  13.168  1.00 24.49 ? 10  DC  A "C1'" 1 
ATOM   196 N N1    . DC  A 1 10 ? -3.380  -8.337  12.190  1.00 24.77 ? 10  DC  A N1    1 
ATOM   197 C C2    . DC  A 1 10 ? -3.710  -8.693  10.926  1.00 24.96 ? 10  DC  A C2    1 
ATOM   198 O O2    . DC  A 1 10 ? -4.839  -8.816  10.503  1.00 25.35 ? 10  DC  A O2    1 
ATOM   199 N N3    . DC  A 1 10 ? -2.669  -8.919  10.062  1.00 24.95 ? 10  DC  A N3    1 
ATOM   200 C C4    . DC  A 1 10 ? -1.334  -8.807  10.408  1.00 25.12 ? 10  DC  A C4    1 
ATOM   201 N N4    . DC  A 1 10 ? -0.406  -9.058  9.439   1.00 25.60 ? 10  DC  A N4    1 
ATOM   202 C C5    . DC  A 1 10 ? -1.020  -8.441  11.738  1.00 24.93 ? 10  DC  A C5    1 
ATOM   203 C C6    . DC  A 1 10 ? -2.047  -8.210  12.560  1.00 25.10 ? 10  DC  A C6    1 
ATOM   204 O "O5'" . DG  B 1 1  ? -3.187  -12.077 1.004   1.00 34.29 ? 11  DG  B "O5'" 1 
ATOM   205 C "C5'" . DG  B 1 1  ? -4.400  -11.597 0.382   1.00 33.97 ? 11  DG  B "C5'" 1 
ATOM   206 C "C4'" . DG  B 1 1  ? -5.613  -11.889 1.260   1.00 33.79 ? 11  DG  B "C4'" 1 
ATOM   207 O "O4'" . DG  B 1 1  ? -5.247  -12.937 2.203   1.00 33.50 ? 11  DG  B "O4'" 1 
ATOM   208 C "C3'" . DG  B 1 1  ? -6.214  -10.714 2.106   1.00 33.72 ? 11  DG  B "C3'" 1 
ATOM   209 O "O3'" . DG  B 1 1  ? -7.206  -10.004 1.413   1.00 33.69 ? 11  DG  B "O3'" 1 
ATOM   210 C "C2'" . DG  B 1 1  ? -6.649  -11.400 3.407   1.00 33.53 ? 11  DG  B "C2'" 1 
ATOM   211 C "C1'" . DG  B 1 1  ? -5.524  -12.520 3.558   1.00 33.04 ? 11  DG  B "C1'" 1 
ATOM   212 N N9    . DG  B 1 1  ? -4.338  -12.057 4.161   1.00 32.58 ? 11  DG  B N9    1 
ATOM   213 C C8    . DG  B 1 1  ? -3.103  -12.050 3.640   1.00 32.42 ? 11  DG  B C8    1 
ATOM   214 N N7    . DG  B 1 1  ? -2.171  -11.549 4.445   1.00 32.42 ? 11  DG  B N7    1 
ATOM   215 C C5    . DG  B 1 1  ? -2.886  -11.231 5.567   1.00 32.37 ? 11  DG  B C5    1 
ATOM   216 C C6    . DG  B 1 1  ? -2.477  -10.652 6.807   1.00 32.32 ? 11  DG  B C6    1 
ATOM   217 O O6    . DG  B 1 1  ? -1.287  -10.323 7.064   1.00 32.26 ? 11  DG  B O6    1 
ATOM   218 N N1    . DG  B 1 1  ? -3.419  -10.454 7.728   1.00 32.29 ? 11  DG  B N1    1 
ATOM   219 C C2    . DG  B 1 1  ? -4.693  -10.783 7.452   1.00 32.31 ? 11  DG  B C2    1 
ATOM   220 N N2    . DG  B 1 1  ? -5.590  -10.601 8.280   1.00 32.20 ? 11  DG  B N2    1 
ATOM   221 N N3    . DG  B 1 1  ? -5.205  -11.323 6.341   1.00 32.37 ? 11  DG  B N3    1 
ATOM   222 C C4    . DG  B 1 1  ? -4.213  -11.521 5.443   1.00 32.39 ? 11  DG  B C4    1 
ATOM   223 P P     . DC  B 1 2  ? -7.010  -8.522  0.849   1.00 33.83 ? 12  DC  B P     1 
ATOM   224 O OP1   . DC  B 1 2  ? -8.259  -8.111  0.333   1.00 33.84 ? 12  DC  B OP1   1 
ATOM   225 O OP2   . DC  B 1 2  ? -5.805  -8.616  -0.014  1.00 33.76 ? 12  DC  B OP2   1 
ATOM   226 O "O5'" . DC  B 1 2  ? -6.846  -7.447  2.078   1.00 33.43 ? 12  DC  B "O5'" 1 
ATOM   227 C "C5'" . DC  B 1 2  ? -7.908  -6.696  2.496   1.00 32.30 ? 12  DC  B "C5'" 1 
ATOM   228 C "C4'" . DC  B 1 2  ? -8.402  -6.775  3.913   1.00 31.42 ? 12  DC  B "C4'" 1 
ATOM   229 O "O4'" . DC  B 1 2  ? -7.789  -7.782  4.707   1.00 31.02 ? 12  DC  B "O4'" 1 
ATOM   230 C "C3'" . DC  B 1 2  ? -8.186  -5.460  4.738   1.00 31.07 ? 12  DC  B "C3'" 1 
ATOM   231 O "O3'" . DC  B 1 2  ? -9.299  -4.634  4.501   1.00 30.56 ? 12  DC  B "O3'" 1 
ATOM   232 C "C2'" . DC  B 1 2  ? -7.945  -5.914  6.158   1.00 30.69 ? 12  DC  B "C2'" 1 
ATOM   233 C "C1'" . DC  B 1 2  ? -7.154  -7.196  5.870   1.00 30.59 ? 12  DC  B "C1'" 1 
ATOM   234 N N1    . DC  B 1 2  ? -5.648  -7.178  5.728   1.00 30.20 ? 12  DC  B N1    1 
ATOM   235 C C2    . DC  B 1 2  ? -4.995  -6.833  6.879   1.00 30.35 ? 12  DC  B C2    1 
ATOM   236 O O2    . DC  B 1 2  ? -5.576  -6.496  7.909   1.00 30.47 ? 12  DC  B O2    1 
ATOM   237 N N3    . DC  B 1 2  ? -3.610  -6.861  6.861   1.00 30.15 ? 12  DC  B N3    1 
ATOM   238 C C4    . DC  B 1 2  ? -2.858  -7.253  5.776   1.00 30.07 ? 12  DC  B C4    1 
ATOM   239 N N4    . DC  B 1 2  ? -1.501  -7.246  5.902   1.00 29.84 ? 12  DC  B N4    1 
ATOM   240 C C5    . DC  B 1 2  ? -3.573  -7.615  4.608   1.00 30.11 ? 12  DC  B C5    1 
ATOM   241 C C6    . DC  B 1 2  ? -4.901  -7.580  4.640   1.00 30.10 ? 12  DC  B C6    1 
ATOM   242 P P     . DG  B 1 3  ? -8.971  -3.345  3.648   1.00 30.03 ? 13  DG  B P     1 
ATOM   243 O OP1   . DG  B 1 3  ? -10.216 -2.987  3.129   1.00 30.28 ? 13  DG  B OP1   1 
ATOM   244 O OP2   . DG  B 1 3  ? -7.773  -3.667  2.855   1.00 30.32 ? 13  DG  B OP2   1 
ATOM   245 O "O5'" . DG  B 1 3  ? -8.780  -2.014  4.607   1.00 30.02 ? 13  DG  B "O5'" 1 
ATOM   246 C "C5'" . DG  B 1 3  ? -9.389  -2.306  5.902   1.00 29.46 ? 13  DG  B "C5'" 1 
ATOM   247 C "C4'" . DG  B 1 3  ? -8.378  -1.887  6.976   1.00 28.82 ? 13  DG  B "C4'" 1 
ATOM   248 O "O4'" . DG  B 1 3  ? -7.363  -2.892  7.170   1.00 29.01 ? 13  DG  B "O4'" 1 
ATOM   249 C "C3'" . DG  B 1 3  ? -7.443  -0.722  6.601   1.00 28.31 ? 13  DG  B "C3'" 1 
ATOM   250 O "O3'" . DG  B 1 3  ? -8.179  0.437   6.543   1.00 27.65 ? 13  DG  B "O3'" 1 
ATOM   251 C "C2'" . DG  B 1 3  ? -6.322  -0.803  7.619   1.00 28.29 ? 13  DG  B "C2'" 1 
ATOM   252 C "C1'" . DG  B 1 3  ? -6.080  -2.337  7.586   1.00 28.30 ? 13  DG  B "C1'" 1 
ATOM   253 N N9    . DG  B 1 3  ? -4.943  -2.789  6.839   1.00 28.03 ? 13  DG  B N9    1 
ATOM   254 C C8    . DG  B 1 3  ? -4.812  -3.557  5.757   1.00 27.77 ? 13  DG  B C8    1 
ATOM   255 N N7    . DG  B 1 3  ? -3.565  -3.807  5.403   1.00 27.77 ? 13  DG  B N7    1 
ATOM   256 C C5    . DG  B 1 3  ? -2.837  -3.147  6.339   1.00 27.80 ? 13  DG  B C5    1 
ATOM   257 C C6    . DG  B 1 3  ? -1.430  -3.003  6.543   1.00 27.78 ? 13  DG  B C6    1 
ATOM   258 O O6    . DG  B 1 3  ? -0.579  -3.548  5.784   1.00 27.72 ? 13  DG  B O6    1 
ATOM   259 N N1    . DG  B 1 3  ? -1.021  -2.263  7.582   1.00 27.67 ? 13  DG  B N1    1 
ATOM   260 C C2    . DG  B 1 3  ? -1.910  -1.701  8.398   1.00 27.68 ? 13  DG  B C2    1 
ATOM   261 N N2    . DG  B 1 3  ? -1.641  -1.016  9.391   1.00 27.48 ? 13  DG  B N2    1 
ATOM   262 N N3    . DG  B 1 3  ? -3.241  -1.768  8.315   1.00 27.86 ? 13  DG  B N3    1 
ATOM   263 C C4    . DG  B 1 3  ? -3.627  -2.513  7.251   1.00 27.93 ? 13  DG  B C4    1 
ATOM   264 P P     . DT  B 1 4  ? -7.464  1.380   5.483   1.00 27.29 ? 14  DT  B P     1 
ATOM   265 O OP1   . DT  B 1 4  ? -8.269  2.534   5.508   1.00 27.48 ? 14  DT  B OP1   1 
ATOM   266 O OP2   . DT  B 1 4  ? -7.342  0.552   4.274   1.00 27.24 ? 14  DT  B OP2   1 
ATOM   267 O "O5'" . DT  B 1 4  ? -6.086  1.978   6.123   1.00 26.35 ? 14  DT  B "O5'" 1 
ATOM   268 C "C5'" . DT  B 1 4  ? -6.414  2.350   7.459   1.00 25.97 ? 14  DT  B "C5'" 1 
ATOM   269 C "C4'" . DT  B 1 4  ? -5.300  2.965   8.226   1.00 25.83 ? 14  DT  B "C4'" 1 
ATOM   270 O "O4'" . DT  B 1 4  ? -4.451  1.929   8.784   1.00 25.95 ? 14  DT  B "O4'" 1 
ATOM   271 C "C3'" . DT  B 1 4  ? -4.291  3.868   7.430   1.00 25.78 ? 14  DT  B "C3'" 1 
ATOM   272 O "O3'" . DT  B 1 4  ? -4.781  5.166   7.395   1.00 25.66 ? 14  DT  B "O3'" 1 
ATOM   273 C "C2'" . DT  B 1 4  ? -2.990  3.727   8.177   1.00 25.68 ? 14  DT  B "C2'" 1 
ATOM   274 C "C1'" . DT  B 1 4  ? -3.083  2.198   8.396   1.00 25.76 ? 14  DT  B "C1'" 1 
ATOM   275 N N1    . DT  B 1 4  ? -2.688  1.382   7.171   1.00 25.68 ? 14  DT  B N1    1 
ATOM   276 C C2    . DT  B 1 4  ? -1.337  1.198   7.070   1.00 25.49 ? 14  DT  B C2    1 
ATOM   277 O O2    . DT  B 1 4  ? -0.476  1.624   7.816   1.00 25.36 ? 14  DT  B O2    1 
ATOM   278 N N3    . DT  B 1 4  ? -0.935  0.441   6.018   1.00 25.41 ? 14  DT  B N3    1 
ATOM   279 C C4    . DT  B 1 4  ? -1.739  -0.139  5.071   1.00 25.44 ? 14  DT  B C4    1 
ATOM   280 O O4    . DT  B 1 4  ? -1.148  -0.792  4.158   1.00 25.83 ? 14  DT  B O4    1 
ATOM   281 C C5    . DT  B 1 4  ? -3.123  0.080   5.225   1.00 25.44 ? 14  DT  B C5    1 
ATOM   282 C C7    . DT  B 1 4  ? -4.097  -0.504  4.223   1.00 25.92 ? 14  DT  B C7    1 
ATOM   283 C C6    . DT  B 1 4  ? -3.537  0.819   6.245   1.00 25.45 ? 14  DT  B C6    1 
ATOM   284 P P     . A   B 1 5  ? -4.622  5.886   5.990   1.00 25.56 ? 15  A   B P     1 
ATOM   285 O OP1   . A   B 1 5  ? -4.902  7.249   6.240   1.00 25.78 ? 15  A   B OP1   1 
ATOM   286 O OP2   . A   B 1 5  ? -5.390  5.044   5.080   1.00 25.35 ? 15  A   B OP2   1 
ATOM   287 O "O5'" . A   B 1 5  ? -2.994  5.997   5.687   1.00 25.66 ? 15  A   B "O5'" 1 
ATOM   288 C "C5'" . A   B 1 5  ? -2.386  6.530   6.869   1.00 25.58 ? 15  A   B "C5'" 1 
ATOM   289 C "C4'" . A   B 1 5  ? -0.944  6.906   6.829   1.00 25.56 ? 15  A   B "C4'" 1 
ATOM   290 O "O4'" . A   B 1 5  ? -0.184  5.729   7.175   1.00 25.47 ? 15  A   B "O4'" 1 
ATOM   291 C "C3'" . A   B 1 5  ? -0.315  7.452   5.511   1.00 25.87 ? 15  A   B "C3'" 1 
ATOM   292 O "O3'" . A   B 1 5  ? -0.142  8.847   5.595   1.00 25.89 ? 15  A   B "O3'" 1 
ATOM   293 C "C2'" . A   B 1 5  ? 0.952   6.681   5.272   1.00 25.84 ? 15  A   B "C2'" 1 
ATOM   294 O "O2'" . A   B 1 5  ? 2.159   7.216   5.792   1.00 25.92 ? 15  A   B "O2'" 1 
ATOM   295 C "C1'" . A   B 1 5  ? 0.758   5.411   6.196   1.00 25.44 ? 15  A   B "C1'" 1 
ATOM   296 N N9    . A   B 1 5  ? 0.412   4.372   5.288   1.00 25.42 ? 15  A   B N9    1 
ATOM   297 C C8    . A   B 1 5  ? -0.792  3.916   4.953   1.00 25.18 ? 15  A   B C8    1 
ATOM   298 N N7    . A   B 1 5  ? -0.744  2.917   4.082   1.00 25.12 ? 15  A   B N7    1 
ATOM   299 C C5    . A   B 1 5  ? 0.579   2.732   3.860   1.00 25.00 ? 15  A   B C5    1 
ATOM   300 C C6    . A   B 1 5  ? 1.281   1.805   3.032   1.00 24.96 ? 15  A   B C6    1 
ATOM   301 N N6    . A   B 1 5  ? 0.681   0.877   2.262   1.00 25.02 ? 15  A   B N6    1 
ATOM   302 N N1    . A   B 1 5  ? 2.608   1.875   3.021   1.00 25.12 ? 15  A   B N1    1 
ATOM   303 C C2    . A   B 1 5  ? 3.229   2.798   3.796   1.00 25.04 ? 15  A   B C2    1 
ATOM   304 N N3    . A   B 1 5  ? 2.693   3.706   4.612   1.00 24.98 ? 15  A   B N3    1 
ATOM   305 C C4    . A   B 1 5  ? 1.344   3.613   4.572   1.00 25.07 ? 15  A   B C4    1 
ATOM   306 P P     . DT  B 1 6  ? -0.092  9.846   4.390   1.00 25.55 ? 16  DT  B P     1 
ATOM   307 O OP1   . DT  B 1 6  ? -0.455  11.098  4.942   1.00 25.76 ? 16  DT  B OP1   1 
ATOM   308 O OP2   . DT  B 1 6  ? -0.909  9.259   3.314   1.00 25.78 ? 16  DT  B OP2   1 
ATOM   309 O "O5'" . DT  B 1 6  ? 1.411   10.300  3.955   1.00 25.88 ? 16  DT  B "O5'" 1 
ATOM   310 C "C5'" . DT  B 1 6  ? 2.549   9.874   4.491   1.00 25.86 ? 16  DT  B "C5'" 1 
ATOM   311 C "C4'" . DT  B 1 6  ? 3.757   9.435   3.709   1.00 25.90 ? 16  DT  B "C4'" 1 
ATOM   312 O "O4'" . DT  B 1 6  ? 3.937   7.991   3.843   1.00 25.91 ? 16  DT  B "O4'" 1 
ATOM   313 C "C3'" . DT  B 1 6  ? 3.862   9.647   2.172   1.00 25.94 ? 16  DT  B "C3'" 1 
ATOM   314 O "O3'" . DT  B 1 6  ? 4.239   10.940  1.867   1.00 25.71 ? 16  DT  B "O3'" 1 
ATOM   315 C "C2'" . DT  B 1 6  ? 4.900   8.621   1.760   1.00 25.93 ? 16  DT  B "C2'" 1 
ATOM   316 C "C1'" . DT  B 1 6  ? 4.506   7.427   2.656   1.00 25.84 ? 16  DT  B "C1'" 1 
ATOM   317 N N1    . DT  B 1 6  ? 3.484   6.520   2.008   1.00 25.90 ? 16  DT  B N1    1 
ATOM   318 C C2    . DT  B 1 6  ? 3.974   5.394   1.406   1.00 25.63 ? 16  DT  B C2    1 
ATOM   319 O O2    . DT  B 1 6  ? 5.152   5.128   1.326   1.00 25.46 ? 16  DT  B O2    1 
ATOM   320 N N3    . DT  B 1 6  ? 3.055   4.550   0.842   1.00 25.69 ? 16  DT  B N3    1 
ATOM   321 C C4    . DT  B 1 6  ? 1.683   4.755   0.842   1.00 25.83 ? 16  DT  B C4    1 
ATOM   322 O O4    . DT  B 1 6  ? 0.971   3.895   0.261   1.00 26.00 ? 16  DT  B O4    1 
ATOM   323 C C5    . DT  B 1 6  ? 1.224   5.907   1.515   1.00 26.02 ? 16  DT  B C5    1 
ATOM   324 C C7    . DT  B 1 6  ? -0.232  6.254   1.635   1.00 26.31 ? 16  DT  B C7    1 
ATOM   325 C C6    . DT  B 1 6  ? 2.122   6.745   2.062   1.00 25.91 ? 16  DT  B C6    1 
ATOM   326 P P     . DA  B 1 7  ? 3.701   11.744  0.620   1.00 25.59 ? 17  DA  B P     1 
ATOM   327 O OP1   . DA  B 1 7  ? 3.531   13.096  1.173   1.00 26.13 ? 17  DA  B OP1   1 
ATOM   328 O OP2   . DA  B 1 7  ? 2.614   11.015  0.069   1.00 25.89 ? 17  DA  B OP2   1 
ATOM   329 O "O5'" . DA  B 1 7  ? 4.719   11.647  -0.646  1.00 25.43 ? 17  DA  B "O5'" 1 
ATOM   330 C "C5'" . DA  B 1 7  ? 4.907   10.286  -1.027  1.00 24.91 ? 17  DA  B "C5'" 1 
ATOM   331 C "C4'" . DA  B 1 7  ? 6.261   9.981   -1.658  1.00 24.15 ? 17  DA  B "C4'" 1 
ATOM   332 O "O4'" . DA  B 1 7  ? 6.756   8.719   -1.156  1.00 24.17 ? 17  DA  B "O4'" 1 
ATOM   333 C "C3'" . DA  B 1 7  ? 6.252   9.772   -3.181  1.00 23.76 ? 17  DA  B "C3'" 1 
ATOM   334 O "O3'" . DA  B 1 7  ? 6.446   11.014  -3.766  1.00 23.78 ? 17  DA  B "O3'" 1 
ATOM   335 C "C2'" . DA  B 1 7  ? 7.310   8.726   -3.450  1.00 23.81 ? 17  DA  B "C2'" 1 
ATOM   336 C "C1'" . DA  B 1 7  ? 7.008   7.792   -2.258  1.00 23.42 ? 17  DA  B "C1'" 1 
ATOM   337 N N9    . DA  B 1 7  ? 5.821   7.039   -2.392  1.00 22.87 ? 17  DA  B N9    1 
ATOM   338 C C8    . DA  B 1 7  ? 4.628   7.322   -1.865  1.00 22.55 ? 17  DA  B C8    1 
ATOM   339 N N7    . DA  B 1 7  ? 3.699   6.435   -2.127  1.00 22.69 ? 17  DA  B N7    1 
ATOM   340 C C5    . DA  B 1 7  ? 4.366   5.503   -2.874  1.00 22.67 ? 17  DA  B C5    1 
ATOM   341 C C6    . DA  B 1 7  ? 3.918   4.276   -3.454  1.00 22.48 ? 17  DA  B C6    1 
ATOM   342 N N6    . DA  B 1 7  ? 2.640   3.840   -3.300  1.00 22.61 ? 17  DA  B N6    1 
ATOM   343 N N1    . DA  B 1 7  ? 4.809   3.548   -4.121  1.00 22.32 ? 17  DA  B N1    1 
ATOM   344 C C2    . DA  B 1 7  ? 6.077   4.005   -4.194  1.00 22.56 ? 17  DA  B C2    1 
ATOM   345 N N3    . DA  B 1 7  ? 6.631   5.133   -3.719  1.00 22.82 ? 17  DA  B N3    1 
ATOM   346 C C4    . DA  B 1 7  ? 5.678   5.828   -3.051  1.00 22.75 ? 17  DA  B C4    1 
ATOM   347 P P     . DC  B 1 8  ? 5.267   11.436  -4.749  1.00 23.71 ? 18  DC  B P     1 
ATOM   348 O OP1   . DC  B 1 8  ? 5.716   12.653  -5.291  1.00 23.65 ? 18  DC  B OP1   1 
ATOM   349 O OP2   . DC  B 1 8  ? 4.016   11.352  -3.959  1.00 23.55 ? 18  DC  B OP2   1 
ATOM   350 O "O5'" . DC  B 1 8  ? 5.317   10.454  -6.035  1.00 23.68 ? 18  DC  B "O5'" 1 
ATOM   351 C "C5'" . DC  B 1 8  ? 6.381   10.768  -6.945  1.00 24.05 ? 18  DC  B "C5'" 1 
ATOM   352 C "C4'" . DC  B 1 8  ? 6.460   9.494   -7.779  1.00 24.42 ? 18  DC  B "C4'" 1 
ATOM   353 O "O4'" . DC  B 1 8  ? 6.432   8.424   -6.766  1.00 24.45 ? 18  DC  B "O4'" 1 
ATOM   354 C "C3'" . DC  B 1 8  ? 5.235   9.159   -8.673  1.00 24.63 ? 18  DC  B "C3'" 1 
ATOM   355 O "O3'" . DC  B 1 8  ? 5.228   9.858   -9.871  1.00 24.75 ? 18  DC  B "O3'" 1 
ATOM   356 C "C2'" . DC  B 1 8  ? 5.499   7.648   -8.816  1.00 24.73 ? 18  DC  B "C2'" 1 
ATOM   357 C "C1'" . DC  B 1 8  ? 5.772   7.327   -7.284  1.00 24.32 ? 18  DC  B "C1'" 1 
ATOM   358 N N1    . DC  B 1 8  ? 4.457   7.191   -6.598  1.00 24.17 ? 18  DC  B N1    1 
ATOM   359 C C2    . DC  B 1 8  ? 3.770   6.059   -6.942  1.00 24.28 ? 18  DC  B C2    1 
ATOM   360 O O2    . DC  B 1 8  ? 4.164   5.231   -7.751  1.00 24.16 ? 18  DC  B O2    1 
ATOM   361 N N3    . DC  B 1 8  ? 2.551   5.877   -6.322  1.00 24.30 ? 18  DC  B N3    1 
ATOM   362 C C4    . DC  B 1 8  ? 1.991   6.774   -5.417  1.00 24.25 ? 18  DC  B C4    1 
ATOM   363 N N4    . DC  B 1 8  ? 0.754   6.459   -4.910  1.00 24.42 ? 18  DC  B N4    1 
ATOM   364 C C5    . DC  B 1 8  ? 2.737   7.931   -5.102  1.00 23.89 ? 18  DC  B C5    1 
ATOM   365 C C6    . DC  B 1 8  ? 3.917   8.088   -5.704  1.00 24.11 ? 18  DC  B C6    1 
ATOM   366 P P     . DG  B 1 9  ? 3.958   10.296  -10.676 1.00 25.17 ? 19  DG  B P     1 
ATOM   367 O OP1   . DG  B 1 9  ? 4.412   11.311  -11.657 1.00 25.72 ? 19  DG  B OP1   1 
ATOM   368 O OP2   . DG  B 1 9  ? 2.977   10.611  -9.717  1.00 25.14 ? 19  DG  B OP2   1 
ATOM   369 O "O5'" . DG  B 1 9  ? 3.183   9.055   -11.429 1.00 24.60 ? 19  DG  B "O5'" 1 
ATOM   370 C "C5'" . DG  B 1 9  ? 4.091   8.250   -12.187 1.00 23.63 ? 19  DG  B "C5'" 1 
ATOM   371 C "C4'" . DG  B 1 9  ? 3.572   6.840   -12.458 1.00 22.85 ? 19  DG  B "C4'" 1 
ATOM   372 O "O4'" . DG  B 1 9  ? 3.437   6.096   -11.198 1.00 22.30 ? 19  DG  B "O4'" 1 
ATOM   373 C "C3'" . DG  B 1 9  ? 2.208   6.685   -13.141 1.00 22.71 ? 19  DG  B "C3'" 1 
ATOM   374 O "O3'" . DG  B 1 9  ? 2.334   6.561   -14.535 1.00 22.92 ? 19  DG  B "O3'" 1 
ATOM   375 C "C2'" . DG  B 1 9  ? 1.604   5.389   -12.589 1.00 22.38 ? 19  DG  B "C2'" 1 
ATOM   376 C "C1'" . DG  B 1 9  ? 2.265   5.352   -11.180 1.00 21.33 ? 19  DG  B "C1'" 1 
ATOM   377 N N9    . DG  B 1 9  ? 1.274   5.836   -10.284 1.00 20.73 ? 19  DG  B N9    1 
ATOM   378 C C8    . DG  B 1 9  ? 1.226   6.931   -9.542  1.00 20.20 ? 19  DG  B C8    1 
ATOM   379 N N7    . DG  B 1 9  ? 0.135   7.035   -8.814  1.00 19.93 ? 19  DG  B N7    1 
ATOM   380 C C5    . DG  B 1 9  ? -0.546  5.896   -9.119  1.00 20.31 ? 19  DG  B C5    1 
ATOM   381 C C6    . DG  B 1 9  ? -1.796  5.373   -8.659  1.00 20.40 ? 19  DG  B C6    1 
ATOM   382 O O6    . DG  B 1 9  ? -2.527  5.951   -7.804  1.00 20.61 ? 19  DG  B O6    1 
ATOM   383 N N1    . DG  B 1 9  ? -2.202  4.208   -9.171  1.00 20.31 ? 19  DG  B N1    1 
ATOM   384 C C2    . DG  B 1 9  ? -1.452  3.566   -10.071 1.00 20.26 ? 19  DG  B C2    1 
ATOM   385 N N2    . DG  B 1 9  ? -1.804  2.488   -10.565 1.00 20.23 ? 19  DG  B N2    1 
ATOM   386 N N3    . DG  B 1 9  ? -0.277  3.953   -10.571 1.00 20.51 ? 19  DG  B N3    1 
ATOM   387 C C4    . DG  B 1 9  ? 0.105   5.133   -10.041 1.00 20.34 ? 19  DG  B C4    1 
ATOM   388 P P     . DC  B 1 10 ? 1.247   7.247   -15.471 1.00 23.15 ? 20  DC  B P     1 
ATOM   389 O OP1   . DC  B 1 10 ? 2.110   7.714   -16.594 1.00 23.38 ? 20  DC  B OP1   1 
ATOM   390 O OP2   . DC  B 1 10 ? 0.451   8.042   -14.619 1.00 22.46 ? 20  DC  B OP2   1 
ATOM   391 O "O5'" . DC  B 1 10 ? 0.100   6.239   -16.011 1.00 22.40 ? 20  DC  B "O5'" 1 
ATOM   392 C "C5'" . DC  B 1 10 ? 0.361   4.883   -15.712 1.00 21.83 ? 20  DC  B "C5'" 1 
ATOM   393 C "C4'" . DC  B 1 10 ? -0.995  4.228   -15.618 1.00 21.27 ? 20  DC  B "C4'" 1 
ATOM   394 O "O4'" . DC  B 1 10 ? -1.406  4.029   -14.273 1.00 21.06 ? 20  DC  B "O4'" 1 
ATOM   395 C "C3'" . DC  B 1 10 ? -2.171  5.120   -16.194 1.00 21.38 ? 20  DC  B "C3'" 1 
ATOM   396 O "O3'" . DC  B 1 10 ? -1.917  5.050   -17.566 1.00 22.19 ? 20  DC  B "O3'" 1 
ATOM   397 C "C2'" . DC  B 1 10 ? -3.357  4.504   -15.579 1.00 21.02 ? 20  DC  B "C2'" 1 
ATOM   398 C "C1'" . DC  B 1 10 ? -2.826  4.024   -14.189 1.00 20.33 ? 20  DC  B "C1'" 1 
ATOM   399 N N1    . DC  B 1 10 ? -3.199  4.969   -13.089 1.00 20.04 ? 20  DC  B N1    1 
ATOM   400 C C2    . DC  B 1 10 ? -4.331  4.650   -12.403 1.00 19.92 ? 20  DC  B C2    1 
ATOM   401 O O2    . DC  B 1 10 ? -4.994  3.655   -12.645 1.00 19.82 ? 20  DC  B O2    1 
ATOM   402 N N3    . DC  B 1 10 ? -4.698  5.522   -11.405 1.00 19.75 ? 20  DC  B N3    1 
ATOM   403 C C4    . DC  B 1 10 ? -4.011  6.646   -11.041 1.00 19.56 ? 20  DC  B C4    1 
ATOM   404 N N4    . DC  B 1 10 ? -4.480  7.398   -10.011 1.00 20.05 ? 20  DC  B N4    1 
ATOM   405 C C5    . DC  B 1 10 ? -2.838  6.929   -11.764 1.00 19.80 ? 20  DC  B C5    1 
ATOM   406 C C6    . DC  B 1 10 ? -2.477  6.093   -12.734 1.00 19.87 ? 20  DC  B C6    1 
HETATM 407 O O     . HOH C 2 .  ? -5.471  -7.560  -4.451  1.00 15.19 ? 22  HOH A O     1 
HETATM 408 O O     . HOH C 2 .  ? -9.151  -5.207  -5.603  1.00 15.57 ? 24  HOH A O     1 
HETATM 409 O O     . HOH C 2 .  ? -13.203 -1.273  -6.387  1.00 33.89 ? 25  HOH A O     1 
HETATM 410 O O     . HOH C 2 .  ? -7.291  0.705   -1.234  1.00 29.38 ? 27  HOH A O     1 
HETATM 411 O O     . HOH C 2 .  ? -9.983  5.959   -3.071  1.00 26.50 ? 28  HOH A O     1 
HETATM 412 O O     . HOH C 2 .  ? -14.450 -3.906  -6.523  1.00 12.91 ? 30  HOH A O     1 
HETATM 413 O O     . HOH C 2 .  ? -17.313 0.217   -9.009  1.00 28.02 ? 32  HOH A O     1 
HETATM 414 O O     . HOH C 2 .  ? -19.334 -1.646  -7.156  1.00 28.01 ? 33  HOH A O     1 
HETATM 415 O O     . HOH C 2 .  ? -1.070  -7.434  -10.554 1.00 14.90 ? 34  HOH A O     1 
HETATM 416 O O     . HOH C 2 .  ? -6.782  -6.509  -8.507  1.00 40.47 ? 35  HOH A O     1 
HETATM 417 O O     . HOH C 2 .  ? 5.530   -8.100  -4.622  1.00 8.72  ? 37  HOH A O     1 
HETATM 418 O O     . HOH C 2 .  ? -6.588  -11.730 -8.857  1.00 21.60 ? 38  HOH A O     1 
HETATM 419 O O     . HOH C 2 .  ? 1.443   -3.181  -1.926  1.00 17.15 ? 39  HOH A O     1 
HETATM 420 O O     . HOH C 2 .  ? -3.217  -3.929  -12.430 1.00 22.17 ? 40  HOH A O     1 
HETATM 421 O O     . HOH C 2 .  ? 2.738   -11.469 -6.274  1.00 22.83 ? 41  HOH A O     1 
HETATM 422 O O     . HOH C 2 .  ? 11.564  -5.651  1.794   1.00 24.49 ? 42  HOH A O     1 
HETATM 423 O O     . HOH C 2 .  ? 5.838   -6.446  1.535   1.00 20.14 ? 43  HOH A O     1 
HETATM 424 O O     . HOH C 2 .  ? 9.386   -10.050 0.748   1.00 47.19 ? 44  HOH A O     1 
HETATM 425 O O     . HOH C 2 .  ? 11.950  0.046   -2.586  1.00 25.30 ? 45  HOH A O     1 
HETATM 426 O O     . HOH C 2 .  ? 4.937   -9.230  8.677   1.00 27.34 ? 46  HOH A O     1 
HETATM 427 O O     . HOH C 2 .  ? 8.412   -5.897  17.393  1.00 23.00 ? 47  HOH A O     1 
HETATM 428 O O     . HOH C 2 .  ? 7.306   -8.875  5.383   1.00 46.98 ? 50  HOH A O     1 
HETATM 429 O O     . HOH C 2 .  ? 13.718  -1.682  9.164   1.00 40.05 ? 51  HOH A O     1 
HETATM 430 O O     . HOH C 2 .  ? 3.195   -5.979  19.581  1.00 18.39 ? 53  HOH A O     1 
HETATM 431 O O     . HOH C 2 .  ? 5.045   -5.518  18.040  1.00 37.00 ? 55  HOH A O     1 
HETATM 432 O O     . HOH C 2 .  ? -0.090  -6.696  -5.016  1.00 27.44 ? 59  HOH A O     1 
HETATM 433 O O     . HOH C 2 .  ? 1.031   -3.095  0.928   1.00 14.62 ? 67  HOH A O     1 
HETATM 434 O O     . HOH C 2 .  ? -4.458  9.224   -6.328  1.00 46.60 ? 69  HOH A O     1 
HETATM 435 O O     . HOH C 2 .  ? -4.166  -7.610  -9.557  1.00 36.65 ? 70  HOH A O     1 
HETATM 436 O O     . HOH C 2 .  ? 3.771   -10.498 -2.671  1.00 30.72 ? 71  HOH A O     1 
HETATM 437 O O     . HOH C 2 .  ? -2.302  -10.866 -4.649  1.00 24.75 ? 74  HOH A O     1 
HETATM 438 O O     . HOH C 2 .  ? -2.922  0.919   -3.148  1.00 32.93 ? 75  HOH A O     1 
HETATM 439 O O     . HOH C 2 .  ? -5.109  0.404   -4.431  1.00 28.92 ? 76  HOH A O     1 
HETATM 440 O O     . HOH C 2 .  ? -7.199  7.379   -4.253  1.00 41.84 ? 77  HOH A O     1 
HETATM 441 O O     . HOH C 2 .  ? 5.364   -3.517  3.339   1.00 27.95 ? 79  HOH A O     1 
HETATM 442 O O     . HOH C 2 .  ? 1.880   -7.311  7.059   1.00 38.98 ? 81  HOH A O     1 
HETATM 443 O O     . HOH C 2 .  ? 14.662  -4.613  1.032   1.00 46.57 ? 82  HOH A O     1 
HETATM 444 O O     . HOH C 2 .  ? -2.756  -6.990  -4.220  1.00 57.01 ? 83  HOH A O     1 
HETATM 445 O O     . HOH C 2 .  ? 10.016  -4.651  14.170  1.00 22.14 ? 85  HOH A O     1 
HETATM 446 O O     . HOH C 2 .  ? -7.191  -10.147 -4.589  1.00 36.18 ? 88  HOH A O     1 
HETATM 447 O O     . HOH C 2 .  ? 13.217  -1.057  -0.093  1.00 36.11 ? 91  HOH A O     1 
HETATM 448 O O     . HOH C 2 .  ? 17.878  4.061   1.378   1.00 36.13 ? 93  HOH A O     1 
HETATM 449 O O     . HOH C 2 .  ? -1.993  -9.157  19.415  1.00 24.13 ? 95  HOH A O     1 
HETATM 450 O O     . HOH C 2 .  ? 8.133   -7.208  7.288   1.00 45.66 ? 96  HOH A O     1 
HETATM 451 O O     . HOH C 2 .  ? 3.264   -7.046  16.676  1.00 32.58 ? 98  HOH A O     1 
HETATM 452 O O     . HOH C 2 .  ? 18.794  -0.566  2.668   1.00 27.98 ? 99  HOH A O     1 
HETATM 453 O O     . HOH C 2 .  ? 6.790   -9.384  -0.604  1.00 52.04 ? 100 HOH A O     1 
HETATM 454 O O     . HOH C 2 .  ? 6.279   -6.839  11.927  1.00 35.30 ? 102 HOH A O     1 
HETATM 455 O O     . HOH C 2 .  ? 14.735  3.432   3.381   1.00 46.39 ? 108 HOH A O     1 
HETATM 456 O O     . HOH C 2 .  ? -15.623 2.576   -7.321  1.00 32.98 ? 111 HOH A O     1 
HETATM 457 O O     . HOH C 2 .  ? 12.805  -7.999  0.641   1.00 41.41 ? 112 HOH A O     1 
HETATM 458 O O     . HOH C 2 .  ? 11.825  -7.739  4.593   1.00 39.82 ? 113 HOH A O     1 
HETATM 459 O O     . HOH C 2 .  ? 16.927  -2.787  5.746   1.00 37.73 ? 114 HOH A O     1 
HETATM 460 O O     . HOH D 2 .  ? -5.390  -5.443  0.231   1.00 33.86 ? 21  HOH B O     1 
HETATM 461 O O     . HOH D 2 .  ? -13.197 -1.852  -1.875  1.00 18.19 ? 23  HOH B O     1 
HETATM 462 O O     . HOH D 2 .  ? 5.585   15.024  -6.888  1.00 33.59 ? 26  HOH B O     1 
HETATM 463 O O     . HOH D 2 .  ? -10.921 -3.110  -0.521  1.00 28.26 ? 29  HOH B O     1 
HETATM 464 O O     . HOH D 2 .  ? -11.973 -13.964 -2.975  1.00 32.21 ? 31  HOH B O     1 
HETATM 465 O O     . HOH D 2 .  ? -2.442  5.121   -21.173 1.00 18.33 ? 36  HOH B O     1 
HETATM 466 O O     . HOH D 2 .  ? -3.174  10.362  -9.315  1.00 20.18 ? 48  HOH B O     1 
HETATM 467 O O     . HOH D 2 .  ? -0.076  5.260   -19.483 1.00 16.16 ? 49  HOH B O     1 
HETATM 468 O O     . HOH D 2 .  ? -0.688  -12.703 1.629   1.00 21.08 ? 52  HOH B O     1 
HETATM 469 O O     . HOH D 2 .  ? 0.499   7.196   -21.664 1.00 40.04 ? 54  HOH B O     1 
HETATM 470 O O     . HOH D 2 .  ? -8.220  -15.375 -0.526  1.00 15.51 ? 56  HOH B O     1 
HETATM 471 O O     . HOH D 2 .  ? -0.970  -11.453 -2.669  1.00 27.87 ? 57  HOH B O     1 
HETATM 472 O O     . HOH D 2 .  ? 2.144   -8.577  0.859   1.00 39.77 ? 58  HOH B O     1 
HETATM 473 O O     . HOH D 2 .  ? 0.556   13.316  -5.295  1.00 25.71 ? 60  HOH B O     1 
HETATM 474 O O     . HOH D 2 .  ? -2.004  3.196   -0.610  1.00 33.05 ? 61  HOH B O     1 
HETATM 475 O O     . HOH D 2 .  ? 5.523   13.717  -11.490 1.00 34.17 ? 62  HOH B O     1 
HETATM 476 O O     . HOH D 2 .  ? 2.737   10.076  -18.332 1.00 18.72 ? 63  HOH B O     1 
HETATM 477 O O     . HOH D 2 .  ? -3.921  11.456  4.595   1.00 37.10 ? 64  HOH B O     1 
HETATM 478 O O     . HOH D 2 .  ? 1.979   11.700  -7.664  1.00 22.49 ? 65  HOH B O     1 
HETATM 479 O O     . HOH D 2 .  ? -3.494  7.410   1.841   1.00 29.83 ? 66  HOH B O     1 
HETATM 480 O O     . HOH D 2 .  ? 1.444   -7.881  4.499   1.00 42.45 ? 68  HOH B O     1 
HETATM 481 O O     . HOH D 2 .  ? -2.028  -9.440  2.032   1.00 34.75 ? 72  HOH B O     1 
HETATM 482 O O     . HOH D 2 .  ? -4.844  -17.219 -4.922  1.00 23.88 ? 73  HOH B O     1 
HETATM 483 O O     . HOH D 2 .  ? 8.289   9.427   -13.414 1.00 34.56 ? 78  HOH B O     1 
HETATM 484 O O     . HOH D 2 .  ? -1.964  12.526  -9.923  1.00 26.65 ? 80  HOH B O     1 
HETATM 485 O O     . HOH D 2 .  ? -12.532 -0.415  0.719   1.00 33.08 ? 84  HOH B O     1 
HETATM 486 O O     . HOH D 2 .  ? -13.361 -6.365  -2.465  1.00 41.54 ? 86  HOH B O     1 
HETATM 487 O O     . HOH D 2 .  ? -9.713  0.341   3.036   1.00 31.02 ? 87  HOH B O     1 
HETATM 488 O O     . HOH D 2 .  ? -10.203 1.973   0.240   1.00 40.24 ? 89  HOH B O     1 
HETATM 489 O O     . HOH D 2 .  ? -10.412 -6.422  -1.628  1.00 42.51 ? 90  HOH B O     1 
HETATM 490 O O     . HOH D 2 .  ? 0.792   11.178  -14.633 1.00 25.24 ? 92  HOH B O     1 
HETATM 491 O O     . HOH D 2 .  ? -12.205 -2.399  5.308   1.00 27.03 ? 94  HOH B O     1 
HETATM 492 O O     . HOH D 2 .  ? 0.709   11.932  -10.161 1.00 35.03 ? 97  HOH B O     1 
HETATM 493 O O     . HOH D 2 .  ? -3.296  0.952   0.006   1.00 52.98 ? 101 HOH B O     1 
HETATM 494 O O     . HOH D 2 .  ? -1.122  8.750   -5.920  1.00 39.88 ? 103 HOH B O     1 
HETATM 495 O O     . HOH D 2 .  ? 9.914   14.076  -5.801  1.00 52.09 ? 104 HOH B O     1 
HETATM 496 O O     . HOH D 2 .  ? 7.696   13.620  -3.608  1.00 16.94 ? 105 HOH B O     1 
HETATM 497 O O     . HOH D 2 .  ? -6.418  7.981   1.434   1.00 41.61 ? 106 HOH B O     1 
HETATM 498 O O     . HOH D 2 .  ? -5.132  5.021   -0.250  1.00 43.99 ? 107 HOH B O     1 
HETATM 499 O O     . HOH D 2 .  ? -5.902  1.743   -13.022 1.00 38.75 ? 109 HOH B O     1 
HETATM 500 O O     . HOH D 2 .  ? -2.705  -4.949  0.116   1.00 37.56 ? 110 HOH B O     1 
# 
